data_4US8
#
_entry.id   4US8
#
_cell.length_a   143.229
_cell.length_b   143.229
_cell.length_c   162.250
_cell.angle_alpha   90.00
_cell.angle_beta   90.00
_cell.angle_gamma   120.00
#
_symmetry.space_group_name_H-M   'P 61 2 2'
#
loop_
_entity.id
_entity.type
_entity.pdbx_description
1 polymer 'ALDEHYDE OXIDOREDUCTASE'
2 non-polymer 'FE2/S2 (INORGANIC) CLUSTER'
3 non-polymer 'TRIETHYLENE GLYCOL'
4 non-polymer 'ISOPROPYL ALCOHOL'
5 non-polymer 'BICARBONATE ION'
6 non-polymer 'MAGNESIUM ION'
7 non-polymer 'CHLORIDE ION'
8 non-polymer '(MOLYBDOPTERIN-CYTOSINE DINUCLEOTIDE-S,S)-DIOXO-AQUA-MOLYBDENUM(V)'
9 non-polymer benzaldehyde
10 water water
#
_entity_poly.entity_id   1
_entity_poly.type   'polypeptide(L)'
_entity_poly.pdbx_seq_one_letter_code
;MIQKVITVNGIEQNLFVDAEALLSDVLRQQLGLTGVKVGCEQGQCGACSVILDGKVVRACVTKMKRVADGAQITTIEGVG
QPENLHPLQKAWVLHGGAQCGFCSPGFIVSAKGLLDTNADPSREDVRDWFQKHRNACRCTGYKPLVDAVMDAAAVINGKK
PETDLEFKMPADGRIWGSKYPRPTAVAKVTGTLDYGADLGLKMPAGTLHLAMVQAKVSHANIKGIDTSEALTMPGVHSVI
THKDVKGKNRITGLITFPTNKGDGWDRPIL(CSO)DEKVFQYGDCIALVCADSEANARAAAEKVKVDLEELPAYMSGPAA
AAEDAIEIHPGTPNVYFEQPIVKGEDTGPIFASADVTVEGDFYVGRQPHMPIEPDVAFAYMGDDGKCYIHSKSIGVHLHL
YMIAPGVGLEPDQLVLVANPMGGTFGYKFSPTSEALVAVAAMATGRPVHLRYNYQQQQQYTGKRSPWEMNVKFAAKKDGT
LLAMESDWLVDHGPYSEFGDLLTLRGAQFIGAGYNIPNIRGLGRTVATNHVWGSAFRGYGAPQSMFASECLMDMLAEKLG
MDPLELRYKNAYRPGDTNPTGQEPEVFSLPDMIDQLRPKYQAALEKAQKESTATHKKGVGISIGVYGSGLDGPDASEAWA
ELNADGTITVHTAWEDHGQGADIGCVGTAHEALRPMGVAPEKIKFTWPNTATTPNSGPSGGSRQQVMTGNAIRVACENLL
KACEKPGGGYYTYDELKAADKPTKITGNWTASGATHCDAVTGLGKPFVVYMYGVFMAEVTVDVATGQTTVDGMTLMADLG
SLCNQLATDGQIYGGLAQGIGLALSEDFEDIKKHATLVGAGFPFIKQIPDKLDIVYVNHPRPDGPFGASGVGELPLTSPH
AAIINAIKSATGVRIYRLPAYPEKVLEALKA
;
_entity_poly.pdbx_strand_id   A
#
# COMPACT_ATOMS: atom_id res chain seq x y z
N MET A 1 12.52 37.93 -16.40
CA MET A 1 13.01 36.66 -17.01
C MET A 1 14.51 36.80 -17.19
N ILE A 2 15.23 35.67 -17.22
CA ILE A 2 16.68 35.71 -17.46
C ILE A 2 17.09 34.53 -18.36
N GLN A 3 18.08 34.78 -19.20
CA GLN A 3 18.78 33.74 -19.94
C GLN A 3 19.85 33.13 -19.03
N LYS A 4 19.90 31.80 -19.00
CA LYS A 4 20.97 31.07 -18.32
C LYS A 4 21.47 29.98 -19.23
N VAL A 5 22.76 29.99 -19.46
CA VAL A 5 23.41 29.01 -20.32
C VAL A 5 24.11 28.04 -19.38
N ILE A 6 23.59 26.81 -19.34
CA ILE A 6 24.07 25.78 -18.40
C ILE A 6 24.23 24.46 -19.16
N THR A 7 24.72 23.42 -18.48
CA THR A 7 24.84 22.11 -19.06
C THR A 7 23.90 21.19 -18.29
N VAL A 8 23.01 20.48 -19.01
CA VAL A 8 22.07 19.54 -18.43
C VAL A 8 22.32 18.17 -19.07
N ASN A 9 22.65 17.19 -18.25
CA ASN A 9 22.96 15.85 -18.73
C ASN A 9 23.97 15.87 -19.88
N GLY A 10 24.99 16.70 -19.70
CA GLY A 10 26.08 16.80 -20.66
C GLY A 10 25.86 17.63 -21.89
N ILE A 11 24.68 18.23 -22.02
CA ILE A 11 24.36 19.01 -23.20
CA ILE A 11 24.30 19.00 -23.21
C ILE A 11 24.12 20.47 -22.82
N GLU A 12 24.78 21.38 -23.51
CA GLU A 12 24.59 22.79 -23.24
C GLU A 12 23.13 23.17 -23.55
N GLN A 13 22.54 23.91 -22.63
CA GLN A 13 21.15 24.34 -22.71
CA GLN A 13 21.16 24.33 -22.77
C GLN A 13 21.11 25.86 -22.66
N ASN A 14 20.41 26.47 -23.61
CA ASN A 14 20.20 27.91 -23.64
C ASN A 14 18.83 28.17 -23.01
N LEU A 15 18.79 28.38 -21.69
CA LEU A 15 17.54 28.38 -20.92
C LEU A 15 17.02 29.75 -20.70
N PHE A 16 15.70 29.84 -20.78
CA PHE A 16 14.99 31.08 -20.46
C PHE A 16 14.00 30.81 -19.35
N VAL A 17 14.24 31.44 -18.22
CA VAL A 17 13.53 31.11 -17.00
C VAL A 17 13.19 32.32 -16.17
N ASP A 18 12.18 32.14 -15.33
CA ASP A 18 11.94 33.07 -14.23
C ASP A 18 12.90 32.68 -13.09
N ALA A 19 13.58 33.67 -12.53
CA ALA A 19 14.54 33.43 -11.46
C ALA A 19 13.89 32.80 -10.22
N GLU A 20 12.59 33.06 -10.03
CA GLU A 20 11.84 32.48 -8.93
C GLU A 20 11.28 31.10 -9.21
N ALA A 21 11.38 30.64 -10.46
CA ALA A 21 10.80 29.34 -10.80
C ALA A 21 11.56 28.22 -10.11
N LEU A 22 10.85 27.12 -9.82
CA LEU A 22 11.48 25.97 -9.21
C LEU A 22 12.17 25.14 -10.28
N LEU A 23 13.36 24.67 -9.93
CA LEU A 23 14.13 23.83 -10.84
C LEU A 23 13.34 22.58 -11.25
N SER A 24 12.54 22.00 -10.35
CA SER A 24 11.75 20.84 -10.74
C SER A 24 10.79 21.16 -11.90
N ASP A 25 10.12 22.30 -11.83
CA ASP A 25 9.21 22.70 -12.90
C ASP A 25 9.95 23.00 -14.18
N VAL A 26 11.09 23.68 -14.07
CA VAL A 26 11.89 23.98 -15.28
C VAL A 26 12.29 22.67 -15.96
N LEU A 27 12.86 21.75 -15.19
CA LEU A 27 13.34 20.48 -15.76
C LEU A 27 12.18 19.66 -16.35
N ARG A 28 11.11 19.50 -15.59
CA ARG A 28 9.99 18.65 -16.05
C ARG A 28 9.21 19.29 -17.19
N GLN A 29 8.83 20.56 -17.01
CA GLN A 29 7.88 21.22 -17.93
C GLN A 29 8.59 21.87 -19.11
N GLN A 30 9.62 22.66 -18.85
CA GLN A 30 10.32 23.35 -19.94
C GLN A 30 11.20 22.40 -20.74
N LEU A 31 11.90 21.49 -20.04
CA LEU A 31 12.83 20.58 -20.71
C LEU A 31 12.35 19.15 -20.93
N GLY A 32 11.18 18.81 -20.41
CA GLY A 32 10.59 17.50 -20.63
C GLY A 32 11.26 16.37 -19.86
N LEU A 33 12.04 16.71 -18.83
CA LEU A 33 12.78 15.70 -18.06
C LEU A 33 11.89 15.18 -16.94
N THR A 34 10.89 14.41 -17.34
CA THR A 34 9.93 13.90 -16.38
C THR A 34 10.49 12.75 -15.53
N GLY A 35 11.73 12.32 -15.79
CA GLY A 35 12.44 11.48 -14.86
C GLY A 35 12.77 12.10 -13.53
N VAL A 36 12.69 13.43 -13.45
CA VAL A 36 12.76 14.14 -12.16
C VAL A 36 11.35 14.04 -11.55
N LYS A 37 11.19 13.16 -10.59
CA LYS A 37 9.87 12.92 -10.03
C LYS A 37 9.60 13.88 -8.89
N VAL A 38 8.35 14.32 -8.81
CA VAL A 38 7.89 15.22 -7.75
C VAL A 38 6.76 14.58 -6.97
N GLY A 39 6.96 14.46 -5.66
CA GLY A 39 5.96 13.92 -4.75
C GLY A 39 5.47 14.97 -3.78
N CYS A 40 6.22 15.14 -2.71
CA CYS A 40 5.81 16.03 -1.61
C CYS A 40 5.82 17.53 -1.94
N GLU A 41 6.67 17.95 -2.87
CA GLU A 41 6.86 19.39 -3.20
C GLU A 41 7.36 20.26 -2.05
N GLN A 42 7.89 19.66 -1.00
CA GLN A 42 8.28 20.39 0.20
C GLN A 42 9.67 20.04 0.71
N GLY A 43 10.49 19.39 -0.13
CA GLY A 43 11.85 19.13 0.26
C GLY A 43 12.03 17.97 1.24
N GLN A 44 10.99 17.13 1.42
CA GLN A 44 11.00 16.08 2.42
C GLN A 44 11.20 14.65 1.95
N CYS A 45 11.11 14.39 0.66
CA CYS A 45 11.06 13.00 0.13
C CYS A 45 12.19 12.64 -0.80
N GLY A 46 12.94 13.60 -1.32
CA GLY A 46 14.03 13.31 -2.22
C GLY A 46 13.74 12.81 -3.64
N ALA A 47 12.47 12.68 -4.00
CA ALA A 47 12.14 12.10 -5.28
C ALA A 47 12.68 12.93 -6.45
N CYS A 48 12.80 14.23 -6.20
CA CYS A 48 13.23 15.24 -7.19
C CYS A 48 14.74 15.53 -7.11
N SER A 49 15.49 14.64 -6.49
CA SER A 49 16.95 14.82 -6.35
C SER A 49 17.61 14.96 -7.72
N VAL A 50 18.46 15.98 -7.83
CA VAL A 50 19.28 16.18 -9.01
C VAL A 50 20.68 16.54 -8.52
N ILE A 51 21.68 16.36 -9.36
CA ILE A 51 23.03 16.85 -9.04
C ILE A 51 23.21 18.23 -9.67
N LEU A 52 23.55 19.21 -8.82
CA LEU A 52 23.79 20.57 -9.26
C LEU A 52 25.21 20.90 -8.83
N ASP A 53 26.14 21.08 -9.76
CA ASP A 53 27.52 21.41 -9.40
C ASP A 53 28.09 20.51 -8.30
N GLY A 54 27.86 19.21 -8.46
CA GLY A 54 28.45 18.22 -7.58
C GLY A 54 27.74 17.97 -6.28
N LYS A 55 26.65 18.70 -6.02
CA LYS A 55 25.87 18.50 -4.83
C LYS A 55 24.50 17.94 -5.18
N VAL A 56 23.99 17.05 -4.32
CA VAL A 56 22.65 16.51 -4.51
C VAL A 56 21.67 17.48 -3.88
N VAL A 57 20.75 18.01 -4.70
CA VAL A 57 19.76 19.00 -4.23
C VAL A 57 18.37 18.52 -4.57
N ARG A 58 17.38 18.96 -3.78
CA ARG A 58 15.98 18.70 -4.12
C ARG A 58 15.51 19.82 -5.06
N ALA A 59 15.25 19.44 -6.30
CA ALA A 59 14.86 20.40 -7.32
C ALA A 59 13.56 21.15 -6.98
N CYS A 60 12.67 20.54 -6.17
CA CYS A 60 11.38 21.19 -5.85
C CYS A 60 11.53 22.37 -4.89
N VAL A 61 12.70 22.51 -4.25
CA VAL A 61 12.98 23.59 -3.31
C VAL A 61 14.23 24.36 -3.74
N THR A 62 14.59 24.27 -5.02
CA THR A 62 15.72 24.99 -5.58
C THR A 62 15.21 25.96 -6.62
N LYS A 63 15.33 27.26 -6.36
CA LYS A 63 14.84 28.24 -7.32
C LYS A 63 15.94 28.52 -8.35
N MET A 64 15.56 28.97 -9.55
CA MET A 64 16.54 29.15 -10.61
C MET A 64 17.58 30.19 -10.31
N LYS A 65 17.26 31.13 -9.44
CA LYS A 65 18.27 32.09 -9.02
C LYS A 65 19.49 31.45 -8.35
N ARG A 66 19.34 30.22 -7.89
CA ARG A 66 20.44 29.46 -7.28
C ARG A 66 21.25 28.67 -8.28
N VAL A 67 20.86 28.73 -9.55
CA VAL A 67 21.57 28.03 -10.61
C VAL A 67 22.39 29.05 -11.40
N ALA A 68 23.70 28.97 -11.28
CA ALA A 68 24.55 29.95 -11.92
C ALA A 68 24.74 29.66 -13.38
N ASP A 69 25.05 30.69 -14.16
CA ASP A 69 25.53 30.51 -15.53
CA ASP A 69 25.53 30.51 -15.50
C ASP A 69 26.69 29.51 -15.45
N GLY A 70 26.67 28.55 -16.36
CA GLY A 70 27.70 27.53 -16.44
C GLY A 70 27.55 26.38 -15.48
N ALA A 71 26.44 26.36 -14.74
CA ALA A 71 26.18 25.21 -13.87
C ALA A 71 26.05 23.91 -14.63
N GLN A 72 26.35 22.85 -13.92
CA GLN A 72 26.18 21.49 -14.43
CA GLN A 72 26.19 21.48 -14.42
C GLN A 72 25.08 20.80 -13.63
N ILE A 73 24.09 20.29 -14.33
CA ILE A 73 23.00 19.55 -13.74
C ILE A 73 22.93 18.14 -14.33
N THR A 74 22.70 17.16 -13.45
CA THR A 74 22.44 15.79 -13.85
C THR A 74 21.12 15.33 -13.24
N THR A 75 20.26 14.77 -14.10
CA THR A 75 19.03 14.09 -13.71
C THR A 75 19.16 12.61 -14.04
N ILE A 76 18.14 11.80 -13.75
CA ILE A 76 18.26 10.37 -14.04
C ILE A 76 18.56 10.13 -15.53
N GLU A 77 18.01 10.96 -16.41
CA GLU A 77 18.22 10.80 -17.85
C GLU A 77 19.70 10.95 -18.22
N GLY A 78 20.47 11.68 -17.40
CA GLY A 78 21.91 11.79 -17.62
C GLY A 78 22.73 10.70 -16.95
N VAL A 79 22.15 9.97 -16.01
CA VAL A 79 22.85 8.86 -15.39
C VAL A 79 22.99 7.71 -16.36
N GLY A 80 21.86 7.37 -16.99
CA GLY A 80 21.84 6.35 -17.98
C GLY A 80 20.45 6.20 -18.57
N GLN A 81 20.37 5.46 -19.68
CA GLN A 81 19.14 5.27 -20.44
C GLN A 81 19.01 3.76 -20.71
N PRO A 82 17.83 3.32 -21.19
N PRO A 82 17.82 3.31 -21.14
CA PRO A 82 17.63 1.90 -21.37
CA PRO A 82 17.74 1.89 -21.50
C PRO A 82 18.69 1.14 -22.16
C PRO A 82 18.75 1.55 -22.57
N GLU A 83 19.26 1.66 -23.23
N GLU A 83 19.41 0.40 -22.42
CA GLU A 83 20.30 0.80 -23.85
CA GLU A 83 20.55 -0.03 -23.25
C GLU A 83 21.72 1.12 -23.34
C GLU A 83 21.79 0.87 -23.15
N ASN A 84 21.79 1.82 -22.22
CA ASN A 84 23.03 2.41 -21.73
C ASN A 84 22.91 2.68 -20.23
N LEU A 85 22.69 1.60 -19.48
CA LEU A 85 22.48 1.70 -18.05
C LEU A 85 23.77 1.91 -17.27
N HIS A 86 23.69 2.76 -16.25
CA HIS A 86 24.78 3.01 -15.30
C HIS A 86 24.83 1.81 -14.36
N PRO A 87 26.00 1.51 -13.79
CA PRO A 87 26.05 0.45 -12.76
C PRO A 87 25.01 0.57 -11.65
N LEU A 88 24.69 1.80 -11.21
CA LEU A 88 23.62 1.95 -10.20
C LEU A 88 22.28 1.49 -10.71
N GLN A 89 21.97 1.78 -11.96
CA GLN A 89 20.70 1.36 -12.53
C GLN A 89 20.65 -0.16 -12.69
N LYS A 90 21.75 -0.75 -13.17
CA LYS A 90 21.80 -2.21 -13.29
C LYS A 90 21.64 -2.86 -11.92
N ALA A 91 22.32 -2.30 -10.91
CA ALA A 91 22.26 -2.86 -9.57
C ALA A 91 20.84 -2.75 -8.97
N TRP A 92 20.17 -1.65 -9.24
CA TRP A 92 18.80 -1.48 -8.77
C TRP A 92 17.93 -2.58 -9.34
N VAL A 93 18.08 -2.82 -10.65
CA VAL A 93 17.31 -3.87 -11.31
C VAL A 93 17.59 -5.25 -10.69
N LEU A 94 18.87 -5.55 -10.51
CA LEU A 94 19.28 -6.87 -10.00
C LEU A 94 18.80 -7.10 -8.58
N HIS A 95 18.79 -6.06 -7.76
CA HIS A 95 18.42 -6.17 -6.35
C HIS A 95 16.95 -5.86 -6.08
N GLY A 96 16.17 -5.59 -7.12
CA GLY A 96 14.73 -5.40 -6.96
C GLY A 96 14.36 -4.10 -6.26
N GLY A 97 15.22 -3.09 -6.34
CA GLY A 97 14.95 -1.84 -5.63
C GLY A 97 13.81 -1.01 -6.18
N ALA A 98 13.42 -1.25 -7.44
CA ALA A 98 12.24 -0.56 -8.01
C ALA A 98 11.02 -1.42 -7.80
N GLN A 99 10.19 -1.09 -6.80
CA GLN A 99 8.87 -1.71 -6.65
C GLN A 99 7.92 -0.78 -7.39
N CYS A 100 7.30 0.22 -6.73
CA CYS A 100 6.54 1.20 -7.52
C CYS A 100 7.46 1.99 -8.45
N GLY A 101 8.73 2.16 -8.06
CA GLY A 101 9.71 2.87 -8.86
C GLY A 101 9.71 4.37 -8.75
N PHE A 102 8.77 4.95 -7.98
CA PHE A 102 8.61 6.41 -8.00
C PHE A 102 9.82 7.10 -7.38
N CYS A 103 10.44 6.46 -6.36
CA CYS A 103 11.64 7.00 -5.70
C CYS A 103 12.93 6.65 -6.41
N SER A 104 12.86 5.75 -7.38
CA SER A 104 14.09 5.18 -7.92
C SER A 104 15.00 6.20 -8.59
N PRO A 105 14.45 7.09 -9.46
CA PRO A 105 15.33 8.09 -10.03
C PRO A 105 16.06 8.93 -8.97
N GLY A 106 15.31 9.39 -7.97
CA GLY A 106 15.92 10.24 -6.95
C GLY A 106 16.97 9.51 -6.13
N PHE A 107 16.71 8.25 -5.75
CA PHE A 107 17.74 7.50 -5.01
C PHE A 107 18.98 7.28 -5.87
N ILE A 108 18.77 6.98 -7.17
CA ILE A 108 19.89 6.67 -8.02
C ILE A 108 20.75 7.92 -8.28
N VAL A 109 20.12 9.05 -8.53
CA VAL A 109 20.87 10.29 -8.68
C VAL A 109 21.57 10.63 -7.38
N SER A 110 20.87 10.48 -6.27
CA SER A 110 21.50 10.75 -4.96
C SER A 110 22.71 9.83 -4.72
N ALA A 111 22.55 8.55 -5.03
CA ALA A 111 23.60 7.58 -4.89
C ALA A 111 24.80 7.88 -5.79
N LYS A 112 24.56 8.38 -7.00
CA LYS A 112 25.69 8.79 -7.85
C LYS A 112 26.44 9.91 -7.15
N GLY A 113 25.70 10.87 -6.58
CA GLY A 113 26.34 11.94 -5.82
C GLY A 113 27.20 11.41 -4.67
N LEU A 114 26.68 10.43 -3.95
CA LEU A 114 27.45 9.78 -2.88
C LEU A 114 28.72 9.18 -3.43
N LEU A 115 28.60 8.35 -4.45
CA LEU A 115 29.77 7.63 -4.94
C LEU A 115 30.80 8.53 -5.60
N ASP A 116 30.36 9.68 -6.12
CA ASP A 116 31.29 10.67 -6.63
C ASP A 116 32.07 11.39 -5.54
N THR A 117 31.64 11.26 -4.27
CA THR A 117 32.33 11.85 -3.14
C THR A 117 33.00 10.81 -2.20
N ASN A 118 32.46 9.60 -2.20
CA ASN A 118 32.96 8.52 -1.38
C ASN A 118 32.80 7.23 -2.17
N ALA A 119 33.88 6.80 -2.81
CA ALA A 119 33.82 5.73 -3.77
C ALA A 119 33.58 4.37 -3.15
N ASP A 120 33.92 4.21 -1.86
CA ASP A 120 33.81 2.94 -1.20
C ASP A 120 33.11 3.10 0.16
N PRO A 121 31.83 3.43 0.12
CA PRO A 121 31.11 3.68 1.37
C PRO A 121 30.84 2.40 2.13
N SER A 122 30.77 2.51 3.45
CA SER A 122 30.17 1.44 4.25
C SER A 122 28.66 1.47 4.09
N ARG A 123 27.96 0.41 4.51
CA ARG A 123 26.50 0.43 4.50
C ARG A 123 25.97 1.60 5.35
N GLU A 124 26.65 1.82 6.46
N GLU A 124 26.58 1.88 6.50
CA GLU A 124 26.32 2.91 7.36
CA GLU A 124 26.11 3.01 7.30
C GLU A 124 26.45 4.27 6.67
C GLU A 124 26.40 4.34 6.61
N ASP A 125 27.52 4.45 5.88
CA ASP A 125 27.72 5.65 5.08
C ASP A 125 26.56 5.88 4.08
N VAL A 126 26.13 4.80 3.44
CA VAL A 126 25.02 4.87 2.49
C VAL A 126 23.75 5.32 3.22
N ARG A 127 23.46 4.70 4.35
CA ARG A 127 22.28 5.08 5.13
C ARG A 127 22.36 6.55 5.60
N ASP A 128 23.53 6.97 6.08
CA ASP A 128 23.68 8.36 6.51
C ASP A 128 23.41 9.32 5.35
N TRP A 129 23.88 8.96 4.16
CA TRP A 129 23.74 9.81 2.98
C TRP A 129 22.26 9.96 2.60
N PHE A 130 21.54 8.85 2.55
CA PHE A 130 20.13 8.92 2.21
C PHE A 130 19.30 9.63 3.28
N GLN A 131 19.72 9.52 4.54
CA GLN A 131 19.08 10.26 5.60
C GLN A 131 19.27 11.77 5.39
N LYS A 132 20.51 12.17 5.15
CA LYS A 132 20.85 13.58 4.99
C LYS A 132 20.13 14.21 3.79
N HIS A 133 20.06 13.44 2.71
CA HIS A 133 19.45 13.92 1.46
C HIS A 133 17.95 13.62 1.37
N ARG A 134 17.37 13.09 2.43
CA ARG A 134 15.90 12.93 2.55
C ARG A 134 15.32 12.01 1.50
N ASN A 135 16.08 11.01 1.09
CA ASN A 135 15.57 10.05 0.10
C ASN A 135 14.66 9.06 0.80
N ALA A 136 13.36 9.20 0.50
CA ALA A 136 12.27 8.43 1.16
C ALA A 136 11.74 7.35 0.23
N CYS A 137 11.49 6.17 0.78
CA CYS A 137 10.87 5.07 0.05
C CYS A 137 9.83 4.45 0.96
N ARG A 138 8.64 4.23 0.42
CA ARG A 138 7.56 3.58 1.16
C ARG A 138 7.37 2.08 0.84
N CYS A 139 8.02 1.62 -0.23
CA CYS A 139 7.82 0.25 -0.71
C CYS A 139 8.83 -0.79 -0.20
N THR A 140 10.10 -0.41 -0.10
CA THR A 140 11.19 -1.39 -0.07
C THR A 140 11.81 -1.66 1.29
N GLY A 141 11.53 -0.81 2.27
CA GLY A 141 12.23 -0.90 3.55
C GLY A 141 13.71 -0.57 3.50
N TYR A 142 14.13 0.06 2.39
CA TYR A 142 15.50 0.59 2.20
C TYR A 142 16.62 -0.39 2.00
N LYS A 143 16.55 -1.56 2.64
CA LYS A 143 17.64 -2.52 2.57
C LYS A 143 18.04 -2.89 1.12
N PRO A 144 17.06 -3.13 0.24
CA PRO A 144 17.46 -3.44 -1.16
C PRO A 144 18.19 -2.31 -1.87
N LEU A 145 17.87 -1.09 -1.46
CA LEU A 145 18.47 0.11 -2.05
C LEU A 145 19.94 0.20 -1.63
N VAL A 146 20.18 -0.03 -0.34
CA VAL A 146 21.54 -0.07 0.17
C VAL A 146 22.33 -1.21 -0.50
N ASP A 147 21.72 -2.39 -0.61
CA ASP A 147 22.37 -3.51 -1.30
C ASP A 147 22.82 -3.09 -2.72
N ALA A 148 21.95 -2.40 -3.45
CA ALA A 148 22.24 -2.02 -4.82
C ALA A 148 23.40 -1.02 -4.88
N VAL A 149 23.42 -0.04 -3.96
CA VAL A 149 24.53 0.92 -3.93
C VAL A 149 25.85 0.21 -3.69
N MET A 150 25.87 -0.71 -2.73
CA MET A 150 27.11 -1.40 -2.41
C MET A 150 27.62 -2.21 -3.61
N ASP A 151 26.72 -2.87 -4.31
CA ASP A 151 27.11 -3.68 -5.47
C ASP A 151 27.64 -2.81 -6.60
N ALA A 152 26.93 -1.71 -6.89
CA ALA A 152 27.38 -0.78 -7.92
C ALA A 152 28.75 -0.22 -7.58
N ALA A 153 28.95 0.16 -6.32
CA ALA A 153 30.21 0.73 -5.90
C ALA A 153 31.35 -0.25 -6.18
N ALA A 154 31.14 -1.54 -5.89
CA ALA A 154 32.19 -2.53 -6.11
C ALA A 154 32.60 -2.64 -7.57
N VAL A 155 31.60 -2.51 -8.45
CA VAL A 155 31.84 -2.53 -9.89
C VAL A 155 32.58 -1.28 -10.33
N ILE A 156 32.13 -0.12 -9.86
CA ILE A 156 32.76 1.14 -10.27
C ILE A 156 34.20 1.18 -9.78
N ASN A 157 34.43 0.54 -8.64
CA ASN A 157 35.78 0.42 -8.04
C ASN A 157 36.69 -0.61 -8.63
N GLY A 158 36.21 -1.35 -9.60
CA GLY A 158 37.03 -2.34 -10.27
C GLY A 158 37.19 -3.60 -9.46
N LYS A 159 36.39 -3.75 -8.40
CA LYS A 159 36.51 -4.90 -7.52
C LYS A 159 35.80 -6.13 -8.08
N LYS A 160 34.78 -5.90 -8.91
N LYS A 160 34.82 -5.92 -8.94
CA LYS A 160 34.08 -6.98 -9.59
CA LYS A 160 34.23 -7.04 -9.66
C LYS A 160 33.63 -6.51 -10.97
C LYS A 160 33.64 -6.55 -10.96
N PRO A 161 33.42 -7.46 -11.90
CA PRO A 161 33.06 -7.07 -13.27
C PRO A 161 31.64 -6.60 -13.36
N GLU A 162 31.40 -5.68 -14.29
CA GLU A 162 30.07 -5.14 -14.52
C GLU A 162 29.04 -6.20 -14.98
N THR A 163 29.50 -7.27 -15.63
CA THR A 163 28.62 -8.37 -16.05
C THR A 163 27.93 -9.05 -14.85
N ASP A 164 28.55 -8.95 -13.68
CA ASP A 164 27.93 -9.50 -12.49
C ASP A 164 26.73 -8.72 -12.00
N LEU A 165 26.50 -7.55 -12.57
CA LEU A 165 25.24 -6.84 -12.32
C LEU A 165 24.10 -7.30 -13.21
N GLU A 166 24.34 -8.25 -14.12
CA GLU A 166 23.31 -8.78 -14.99
C GLU A 166 22.82 -10.13 -14.46
N PHE A 167 21.51 -10.33 -14.47
CA PHE A 167 20.93 -11.56 -13.98
C PHE A 167 21.44 -12.76 -14.75
N LYS A 168 21.80 -13.81 -14.01
CA LYS A 168 22.24 -15.06 -14.59
C LYS A 168 21.11 -16.08 -14.48
N MET A 169 20.68 -16.62 -15.60
CA MET A 169 19.60 -17.60 -15.62
C MET A 169 19.98 -18.87 -14.85
N PRO A 170 19.07 -19.35 -13.96
CA PRO A 170 19.38 -20.59 -13.25
C PRO A 170 19.61 -21.73 -14.25
N ALA A 171 20.42 -22.71 -13.89
CA ALA A 171 20.77 -23.77 -14.85
C ALA A 171 19.55 -24.51 -15.43
N ASP A 172 18.51 -24.68 -14.62
CA ASP A 172 17.29 -25.37 -15.08
C ASP A 172 16.36 -24.49 -15.90
N GLY A 173 16.72 -23.22 -16.09
CA GLY A 173 15.86 -22.32 -16.84
C GLY A 173 14.58 -21.92 -16.12
N ARG A 174 14.41 -22.32 -14.85
CA ARG A 174 13.23 -22.00 -14.02
C ARG A 174 13.28 -20.57 -13.48
N ILE A 175 12.34 -19.72 -13.84
CA ILE A 175 12.31 -18.38 -13.19
CA ILE A 175 12.19 -18.38 -13.30
C ILE A 175 11.37 -18.37 -11.99
N TRP A 176 10.43 -19.30 -11.89
CA TRP A 176 9.63 -19.44 -10.67
C TRP A 176 10.59 -19.72 -9.52
N GLY A 177 10.46 -18.91 -8.48
CA GLY A 177 11.26 -19.03 -7.28
C GLY A 177 12.60 -18.33 -7.32
N SER A 178 12.91 -17.69 -8.45
CA SER A 178 14.23 -17.08 -8.69
C SER A 178 14.19 -15.60 -8.34
N LYS A 179 15.34 -14.97 -8.58
CA LYS A 179 15.48 -13.50 -8.49
C LYS A 179 15.41 -12.81 -9.86
N TYR A 180 14.68 -13.39 -10.81
CA TYR A 180 14.54 -12.78 -12.11
C TYR A 180 13.99 -11.34 -11.96
N PRO A 181 14.62 -10.35 -12.60
CA PRO A 181 14.15 -8.97 -12.49
C PRO A 181 12.77 -8.75 -13.07
N ARG A 182 12.09 -7.75 -12.53
CA ARG A 182 10.74 -7.45 -13.00
C ARG A 182 10.79 -6.66 -14.32
N PRO A 183 9.85 -6.91 -15.24
CA PRO A 183 9.87 -6.28 -16.54
C PRO A 183 9.92 -4.77 -16.55
N THR A 184 9.23 -4.15 -15.60
CA THR A 184 9.17 -2.69 -15.53
C THR A 184 10.39 -2.02 -14.90
N ALA A 185 11.34 -2.79 -14.41
CA ALA A 185 12.47 -2.22 -13.65
C ALA A 185 13.28 -1.25 -14.49
N VAL A 186 13.60 -1.61 -15.73
CA VAL A 186 14.43 -0.74 -16.56
C VAL A 186 13.79 0.63 -16.76
N ALA A 187 12.48 0.66 -17.04
CA ALA A 187 11.79 1.93 -17.26
C ALA A 187 11.81 2.74 -15.96
N LYS A 188 11.60 2.08 -14.83
CA LYS A 188 11.61 2.76 -13.56
C LYS A 188 12.94 3.39 -13.20
N VAL A 189 14.02 2.67 -13.42
CA VAL A 189 15.34 3.14 -13.00
C VAL A 189 15.92 4.15 -13.96
N THR A 190 15.31 4.30 -15.15
CA THR A 190 15.73 5.29 -16.15
C THR A 190 14.79 6.49 -16.21
N GLY A 191 13.74 6.49 -15.39
CA GLY A 191 12.78 7.58 -15.43
C GLY A 191 11.95 7.64 -16.71
N THR A 192 11.79 6.50 -17.38
CA THR A 192 11.06 6.43 -18.64
C THR A 192 9.70 5.72 -18.54
N LEU A 193 9.25 5.48 -17.31
CA LEU A 193 7.88 5.04 -17.03
C LEU A 193 7.08 6.29 -16.64
N ASP A 194 6.02 6.57 -17.38
CA ASP A 194 5.23 7.78 -17.12
C ASP A 194 4.10 7.47 -16.14
N TYR A 195 4.22 8.08 -14.97
CA TYR A 195 3.19 8.06 -13.95
C TYR A 195 2.13 9.12 -14.28
N GLY A 196 1.03 9.18 -13.53
CA GLY A 196 -0.06 10.09 -13.92
C GLY A 196 0.32 11.55 -14.08
N ALA A 197 1.17 12.08 -13.22
CA ALA A 197 1.55 13.50 -13.35
C ALA A 197 2.42 13.73 -14.59
N ASP A 198 3.28 12.75 -14.88
CA ASP A 198 4.15 12.75 -16.08
C ASP A 198 3.26 12.78 -17.35
N LEU A 199 2.24 11.91 -17.35
CA LEU A 199 1.28 11.86 -18.46
C LEU A 199 0.59 13.22 -18.63
N GLY A 200 0.21 13.85 -17.53
CA GLY A 200 -0.41 15.17 -17.59
C GLY A 200 0.44 16.21 -18.33
N LEU A 201 1.74 16.18 -18.15
CA LEU A 201 2.64 17.10 -18.84
C LEU A 201 2.75 16.80 -20.34
N LYS A 202 2.41 15.58 -20.72
CA LYS A 202 2.56 15.12 -22.10
C LYS A 202 1.22 15.00 -22.83
N MET A 203 0.17 15.55 -22.23
CA MET A 203 -1.15 15.57 -22.85
C MET A 203 -1.21 16.79 -23.76
N PRO A 204 -2.19 16.79 -24.62
CA PRO A 204 -2.21 17.90 -25.60
C PRO A 204 -2.68 19.24 -25.06
N ALA A 205 -2.45 20.29 -25.84
N ALA A 205 -2.31 20.34 -25.70
CA ALA A 205 -2.78 21.66 -25.48
CA ALA A 205 -2.83 21.63 -25.30
C ALA A 205 -4.23 21.86 -25.02
C ALA A 205 -4.32 21.53 -25.52
N GLY A 206 -5.17 21.12 -25.61
N GLY A 206 -5.11 22.27 -24.76
CA GLY A 206 -6.59 21.25 -25.24
CA GLY A 206 -6.53 21.97 -24.76
C GLY A 206 -6.96 20.81 -23.82
C GLY A 206 -6.95 20.97 -23.68
N THR A 207 -6.04 20.14 -23.16
CA THR A 207 -6.32 19.50 -21.87
C THR A 207 -6.57 20.57 -20.81
N LEU A 208 -7.64 20.37 -20.05
CA LEU A 208 -7.96 21.23 -18.92
C LEU A 208 -7.36 20.62 -17.66
N HIS A 209 -6.84 21.49 -16.80
CA HIS A 209 -6.26 21.10 -15.53
C HIS A 209 -7.19 21.51 -14.43
N LEU A 210 -7.43 20.59 -13.51
CA LEU A 210 -8.44 20.79 -12.48
C LEU A 210 -7.83 21.18 -11.14
N ALA A 211 -8.58 21.93 -10.35
CA ALA A 211 -8.29 22.14 -8.94
C ALA A 211 -9.57 21.99 -8.15
N MET A 212 -9.45 21.37 -6.98
CA MET A 212 -10.57 21.14 -6.09
C MET A 212 -10.83 22.32 -5.19
N VAL A 213 -12.12 22.67 -5.11
CA VAL A 213 -12.63 23.61 -4.11
C VAL A 213 -13.11 22.73 -2.95
N GLN A 214 -12.40 22.77 -1.83
CA GLN A 214 -12.57 21.81 -0.75
C GLN A 214 -13.10 22.44 0.53
N ALA A 215 -13.86 21.66 1.28
CA ALA A 215 -14.34 22.10 2.59
C ALA A 215 -13.20 22.35 3.54
N LYS A 216 -13.30 23.45 4.27
CA LYS A 216 -12.29 23.82 5.26
C LYS A 216 -12.85 23.74 6.66
N VAL A 217 -13.96 23.03 6.80
CA VAL A 217 -14.52 22.63 8.10
C VAL A 217 -14.87 21.15 7.99
N SER A 218 -15.09 20.51 9.13
CA SER A 218 -15.32 19.06 9.18
C SER A 218 -16.77 18.61 8.96
N HIS A 219 -17.76 19.51 9.14
CA HIS A 219 -19.16 19.12 9.07
C HIS A 219 -19.98 20.38 8.86
N ALA A 220 -20.86 20.34 7.86
CA ALA A 220 -21.67 21.52 7.57
C ALA A 220 -22.86 21.20 6.68
N ASN A 221 -23.86 22.07 6.75
CA ASN A 221 -24.86 22.16 5.72
C ASN A 221 -24.41 23.22 4.70
N ILE A 222 -24.45 22.88 3.42
CA ILE A 222 -24.05 23.80 2.36
C ILE A 222 -25.25 24.63 1.91
N LYS A 223 -25.08 25.94 1.86
CA LYS A 223 -26.16 26.86 1.47
CA LYS A 223 -26.18 26.83 1.45
C LYS A 223 -26.03 27.32 0.01
N GLY A 224 -24.79 27.49 -0.44
CA GLY A 224 -24.58 27.96 -1.81
C GLY A 224 -23.11 28.02 -2.18
N ILE A 225 -22.87 28.19 -3.48
CA ILE A 225 -21.52 28.27 -4.06
C ILE A 225 -21.52 29.46 -5.02
N ASP A 226 -20.58 30.38 -4.81
CA ASP A 226 -20.40 31.54 -5.69
C ASP A 226 -19.09 31.41 -6.45
N THR A 227 -19.18 31.23 -7.77
CA THR A 227 -18.01 31.04 -8.61
C THR A 227 -17.63 32.30 -9.38
N SER A 228 -18.28 33.43 -9.11
CA SER A 228 -18.18 34.58 -10.00
C SER A 228 -16.77 35.16 -10.09
N GLU A 229 -16.09 35.35 -8.96
CA GLU A 229 -14.72 35.86 -9.04
C GLU A 229 -13.80 34.86 -9.74
N ALA A 230 -13.98 33.57 -9.46
CA ALA A 230 -13.12 32.57 -10.07
C ALA A 230 -13.19 32.55 -11.59
N LEU A 231 -14.39 32.75 -12.14
CA LEU A 231 -14.56 32.77 -13.60
C LEU A 231 -13.79 33.86 -14.31
N THR A 232 -13.48 34.95 -13.60
CA THR A 232 -12.77 36.07 -14.20
C THR A 232 -11.25 35.94 -14.15
N MET A 233 -10.76 34.87 -13.52
CA MET A 233 -9.35 34.73 -13.25
C MET A 233 -8.58 34.12 -14.42
N PRO A 234 -7.26 34.34 -14.47
CA PRO A 234 -6.50 33.93 -15.64
C PRO A 234 -6.60 32.42 -15.95
N GLY A 235 -6.82 32.11 -17.22
CA GLY A 235 -6.85 30.74 -17.70
C GLY A 235 -8.06 29.91 -17.33
N VAL A 236 -9.05 30.48 -16.65
CA VAL A 236 -10.18 29.70 -16.18
C VAL A 236 -11.21 29.46 -17.28
N HIS A 237 -11.54 28.18 -17.46
CA HIS A 237 -12.55 27.72 -18.42
C HIS A 237 -13.95 27.72 -17.83
N SER A 238 -14.09 27.11 -16.66
CA SER A 238 -15.39 26.92 -16.05
C SER A 238 -15.19 26.37 -14.63
N VAL A 239 -16.29 26.32 -13.87
CA VAL A 239 -16.31 25.67 -12.55
C VAL A 239 -17.47 24.68 -12.55
N ILE A 240 -17.15 23.48 -12.11
CA ILE A 240 -18.05 22.34 -12.10
C ILE A 240 -18.54 22.14 -10.67
N THR A 241 -19.85 21.94 -10.52
CA THR A 241 -20.45 21.65 -9.20
C THR A 241 -21.39 20.44 -9.35
N HIS A 242 -22.04 20.07 -8.26
CA HIS A 242 -23.01 18.95 -8.32
C HIS A 242 -24.08 19.14 -9.40
N LYS A 243 -24.36 20.38 -9.77
CA LYS A 243 -25.37 20.64 -10.79
C LYS A 243 -24.97 20.08 -12.15
N ASP A 244 -23.66 19.88 -12.37
CA ASP A 244 -23.14 19.37 -13.63
C ASP A 244 -23.05 17.84 -13.67
N VAL A 245 -23.35 17.19 -12.55
CA VAL A 245 -23.31 15.73 -12.48
C VAL A 245 -24.55 15.17 -13.15
N LYS A 246 -24.33 14.19 -14.03
CA LYS A 246 -25.41 13.66 -14.89
CA LYS A 246 -25.41 13.66 -14.89
C LYS A 246 -26.12 12.42 -14.33
N GLY A 247 -25.56 11.83 -13.27
CA GLY A 247 -26.18 10.69 -12.59
C GLY A 247 -26.59 11.01 -11.19
N LYS A 248 -26.53 9.99 -10.31
CA LYS A 248 -26.98 10.13 -8.93
C LYS A 248 -26.10 11.00 -8.07
N ASN A 249 -24.89 11.31 -8.51
CA ASN A 249 -23.97 12.09 -7.70
C ASN A 249 -23.69 11.42 -6.37
N ARG A 250 -23.61 10.11 -6.40
CA ARG A 250 -23.26 9.30 -5.23
C ARG A 250 -22.42 8.15 -5.74
N ILE A 251 -21.46 7.71 -4.92
CA ILE A 251 -20.68 6.49 -5.11
C ILE A 251 -21.36 5.43 -4.28
N THR A 252 -21.55 4.26 -4.86
CA THR A 252 -22.15 3.14 -4.14
C THR A 252 -21.06 2.22 -3.55
N GLY A 253 -21.30 1.80 -2.30
CA GLY A 253 -20.47 0.78 -1.69
C GLY A 253 -20.54 -0.60 -2.30
N LEU A 254 -21.57 -0.79 -3.12
CA LEU A 254 -21.76 -1.90 -4.04
C LEU A 254 -22.09 -3.27 -3.39
N ILE A 255 -21.35 -3.63 -2.33
CA ILE A 255 -21.55 -4.88 -1.59
C ILE A 255 -21.89 -4.61 -0.12
N THR A 256 -22.57 -3.49 0.14
CA THR A 256 -23.08 -3.16 1.46
C THR A 256 -23.81 -4.38 2.06
N PHE A 257 -23.47 -4.73 3.29
CA PHE A 257 -24.06 -5.93 3.90
C PHE A 257 -25.56 -5.69 4.16
N PRO A 258 -26.38 -6.74 4.03
CA PRO A 258 -27.81 -6.53 4.31
C PRO A 258 -28.13 -5.99 5.71
N THR A 259 -27.35 -6.40 6.72
CA THR A 259 -27.62 -5.91 8.08
C THR A 259 -26.99 -4.54 8.38
N ASN A 260 -26.28 -3.95 7.41
CA ASN A 260 -25.92 -2.55 7.51
C ASN A 260 -27.21 -1.73 7.57
N LYS A 261 -27.26 -0.74 8.47
CA LYS A 261 -28.43 0.12 8.60
CA LYS A 261 -28.41 0.15 8.62
C LYS A 261 -28.48 1.22 7.53
N GLY A 262 -27.37 1.41 6.82
CA GLY A 262 -27.30 2.35 5.72
C GLY A 262 -27.37 1.65 4.36
N ASP A 263 -27.78 2.41 3.36
CA ASP A 263 -27.99 1.87 2.01
C ASP A 263 -26.75 1.83 1.14
N GLY A 264 -25.61 2.33 1.65
CA GLY A 264 -24.37 2.31 0.89
C GLY A 264 -24.22 3.37 -0.18
N TRP A 265 -25.21 4.27 -0.25
CA TRP A 265 -25.21 5.37 -1.23
C TRP A 265 -24.90 6.72 -0.59
N ASP A 266 -24.22 6.69 0.55
CA ASP A 266 -24.00 7.89 1.36
C ASP A 266 -22.97 8.85 0.82
N ARG A 267 -22.01 8.38 0.02
CA ARG A 267 -20.88 9.25 -0.38
C ARG A 267 -21.19 10.06 -1.64
N PRO A 268 -21.15 11.41 -1.55
CA PRO A 268 -21.36 12.20 -2.78
C PRO A 268 -20.17 12.18 -3.71
N ILE A 269 -20.39 12.48 -4.97
CA ILE A 269 -19.26 12.77 -5.86
C ILE A 269 -18.78 14.23 -5.67
N LEU A 270 -19.70 15.17 -5.83
CA LEU A 270 -19.51 16.58 -5.46
C LEU A 270 -20.55 16.90 -4.41
N ASP A 272 -23.38 18.20 -2.24
CA ASP A 272 -24.57 18.97 -2.59
CA ASP A 272 -24.61 18.90 -2.59
C ASP A 272 -25.15 19.61 -1.33
N GLU A 273 -25.73 18.83 -0.43
CA GLU A 273 -26.37 19.43 0.75
CA GLU A 273 -26.37 19.36 0.78
C GLU A 273 -25.43 19.54 1.95
N LYS A 274 -24.37 18.71 2.02
CA LYS A 274 -23.53 18.67 3.21
C LYS A 274 -22.05 18.47 2.92
N VAL A 275 -21.27 18.99 3.85
CA VAL A 275 -19.89 18.61 4.07
C VAL A 275 -19.89 17.58 5.18
N PHE A 276 -19.19 16.47 4.92
CA PHE A 276 -19.09 15.37 5.87
C PHE A 276 -17.69 15.20 6.49
N GLN A 277 -16.65 15.73 5.84
CA GLN A 277 -15.29 15.77 6.41
C GLN A 277 -14.55 16.93 5.80
N TYR A 278 -13.54 17.37 6.54
CA TYR A 278 -12.60 18.36 6.01
C TYR A 278 -12.00 17.84 4.73
N GLY A 279 -11.93 18.68 3.70
CA GLY A 279 -11.37 18.27 2.41
C GLY A 279 -12.36 17.85 1.35
N ASP A 280 -13.62 17.61 1.74
CA ASP A 280 -14.63 17.18 0.77
C ASP A 280 -14.61 18.13 -0.43
N CYS A 281 -14.65 17.54 -1.62
CA CYS A 281 -14.69 18.35 -2.85
C CYS A 281 -16.09 18.86 -3.13
N ILE A 282 -16.21 20.19 -3.14
CA ILE A 282 -17.47 20.89 -3.40
C ILE A 282 -17.55 21.36 -4.85
N ALA A 283 -16.42 21.66 -5.47
CA ALA A 283 -16.43 22.11 -6.88
C ALA A 283 -15.07 21.84 -7.50
N LEU A 284 -15.03 21.88 -8.83
CA LEU A 284 -13.82 21.72 -9.60
C LEU A 284 -13.63 22.93 -10.49
N VAL A 285 -12.51 23.60 -10.36
CA VAL A 285 -12.13 24.64 -11.33
C VAL A 285 -11.39 23.99 -12.48
N CYS A 286 -11.80 24.33 -13.71
CA CYS A 286 -11.12 23.86 -14.93
C CYS A 286 -10.34 25.03 -15.51
N ALA A 287 -9.04 24.85 -15.74
CA ALA A 287 -8.21 25.93 -16.27
C ALA A 287 -7.11 25.42 -17.21
N ASP A 288 -6.34 26.36 -17.76
CA ASP A 288 -5.26 25.98 -18.69
C ASP A 288 -4.02 25.39 -18.02
N SER A 289 -3.94 25.50 -16.70
CA SER A 289 -2.81 24.97 -15.94
C SER A 289 -3.23 24.64 -14.54
N GLU A 290 -2.50 23.72 -13.91
CA GLU A 290 -2.75 23.43 -12.50
C GLU A 290 -2.60 24.70 -11.65
N ALA A 291 -1.55 25.48 -11.91
CA ALA A 291 -1.31 26.70 -11.13
C ALA A 291 -2.50 27.67 -11.27
N ASN A 292 -3.01 27.88 -12.49
CA ASN A 292 -4.13 28.81 -12.66
C ASN A 292 -5.42 28.26 -12.07
N ALA A 293 -5.62 26.96 -12.14
CA ALA A 293 -6.81 26.35 -11.56
C ALA A 293 -6.79 26.50 -10.04
N ARG A 294 -5.65 26.24 -9.42
CA ARG A 294 -5.54 26.37 -7.97
C ARG A 294 -5.74 27.81 -7.50
N ALA A 295 -5.16 28.76 -8.21
CA ALA A 295 -5.31 30.16 -7.83
C ALA A 295 -6.80 30.55 -7.84
N ALA A 296 -7.50 30.11 -8.87
CA ALA A 296 -8.91 30.44 -9.01
C ALA A 296 -9.78 29.69 -8.00
N ALA A 297 -9.41 28.44 -7.66
CA ALA A 297 -10.16 27.69 -6.65
C ALA A 297 -10.19 28.42 -5.31
N GLU A 298 -9.13 29.13 -4.98
CA GLU A 298 -9.08 29.89 -3.74
C GLU A 298 -10.14 31.00 -3.68
N LYS A 299 -10.62 31.41 -4.85
CA LYS A 299 -11.58 32.51 -4.95
CA LYS A 299 -11.60 32.50 -4.92
C LYS A 299 -13.03 32.04 -5.03
N VAL A 300 -13.26 30.73 -5.11
CA VAL A 300 -14.62 30.23 -5.10
C VAL A 300 -15.14 30.33 -3.66
N LYS A 301 -16.34 30.91 -3.48
CA LYS A 301 -16.89 31.17 -2.15
C LYS A 301 -18.00 30.18 -1.83
N VAL A 302 -17.83 29.39 -0.77
CA VAL A 302 -18.86 28.46 -0.36
C VAL A 302 -19.52 28.98 0.90
N ASP A 303 -20.84 29.12 0.84
CA ASP A 303 -21.62 29.58 1.97
C ASP A 303 -22.13 28.34 2.68
N LEU A 304 -21.71 28.18 3.92
CA LEU A 304 -22.18 27.05 4.66
C LEU A 304 -22.48 27.36 6.12
N GLU A 305 -23.18 26.42 6.73
CA GLU A 305 -23.60 26.47 8.13
C GLU A 305 -22.81 25.34 8.80
N GLU A 306 -21.77 25.70 9.54
CA GLU A 306 -20.96 24.69 10.19
C GLU A 306 -21.78 23.99 11.27
N LEU A 307 -21.57 22.67 11.37
CA LEU A 307 -22.25 21.82 12.35
C LEU A 307 -21.22 21.23 13.30
N PRO A 308 -21.66 20.86 14.51
CA PRO A 308 -20.72 20.15 15.39
C PRO A 308 -20.26 18.86 14.75
N ALA A 309 -18.95 18.61 14.82
CA ALA A 309 -18.34 17.47 14.17
C ALA A 309 -17.97 16.44 15.22
N TYR A 310 -18.12 15.18 14.86
CA TYR A 310 -17.72 14.07 15.70
C TYR A 310 -16.37 13.53 15.18
N MET A 311 -15.30 13.73 15.93
CA MET A 311 -13.97 13.50 15.40
C MET A 311 -13.33 12.21 15.90
N SER A 312 -14.12 11.36 16.54
CA SER A 312 -13.67 10.02 16.94
C SER A 312 -14.85 9.11 17.01
N GLY A 313 -14.57 7.81 17.00
CA GLY A 313 -15.63 6.83 17.06
C GLY A 313 -16.47 6.93 18.32
N PRO A 314 -15.81 6.95 19.50
CA PRO A 314 -16.61 7.05 20.72
C PRO A 314 -17.52 8.27 20.73
N ALA A 315 -17.05 9.39 20.20
CA ALA A 315 -17.88 10.59 20.18
C ALA A 315 -19.12 10.41 19.31
N ALA A 316 -18.94 9.83 18.12
CA ALA A 316 -20.03 9.67 17.18
C ALA A 316 -21.00 8.57 17.61
N ALA A 317 -20.50 7.61 18.40
CA ALA A 317 -21.29 6.44 18.83
C ALA A 317 -22.14 6.70 20.08
N ALA A 318 -22.00 7.86 20.68
CA ALA A 318 -22.73 8.16 21.88
C ALA A 318 -24.23 8.04 21.58
N GLU A 319 -24.99 7.52 22.54
CA GLU A 319 -26.42 7.24 22.33
C GLU A 319 -27.19 8.44 21.78
N ASP A 320 -26.82 9.63 22.23
CA ASP A 320 -27.54 10.84 21.85
C ASP A 320 -26.88 11.66 20.75
N ALA A 321 -25.90 11.08 20.04
CA ALA A 321 -25.22 11.82 19.00
C ALA A 321 -26.14 12.07 17.82
N ILE A 322 -25.97 13.20 17.18
CA ILE A 322 -26.81 13.56 16.02
C ILE A 322 -26.35 12.77 14.79
N GLU A 323 -27.32 12.29 14.01
CA GLU A 323 -27.02 11.48 12.83
C GLU A 323 -26.35 12.30 11.74
N ILE A 324 -25.12 11.92 11.42
CA ILE A 324 -24.34 12.56 10.35
C ILE A 324 -25.05 12.40 8.99
N HIS A 325 -25.57 11.20 8.75
CA HIS A 325 -26.39 10.92 7.58
C HIS A 325 -27.81 10.80 8.09
N PRO A 326 -28.58 11.91 7.99
CA PRO A 326 -29.90 11.86 8.60
C PRO A 326 -30.72 10.69 8.07
N GLY A 327 -31.30 9.95 9.01
CA GLY A 327 -32.04 8.73 8.67
C GLY A 327 -31.29 7.44 8.89
N THR A 328 -29.98 7.52 9.12
CA THR A 328 -29.16 6.34 9.41
C THR A 328 -28.45 6.58 10.75
N PRO A 329 -28.53 5.62 11.68
CA PRO A 329 -27.75 5.79 12.93
C PRO A 329 -26.27 5.88 12.66
N ASN A 330 -25.54 6.67 13.43
CA ASN A 330 -24.08 6.72 13.23
C ASN A 330 -23.46 5.34 13.38
N VAL A 331 -23.92 4.55 14.35
CA VAL A 331 -23.46 3.14 14.44
C VAL A 331 -24.31 2.33 13.48
N TYR A 332 -23.77 2.07 12.30
CA TYR A 332 -24.57 1.56 11.22
C TYR A 332 -24.39 0.06 10.97
N PHE A 333 -23.49 -0.61 11.68
CA PHE A 333 -23.28 -2.04 11.47
C PHE A 333 -22.70 -2.67 12.71
N GLU A 334 -23.13 -3.90 12.97
CA GLU A 334 -22.55 -4.74 14.01
CA GLU A 334 -22.47 -4.71 13.98
C GLU A 334 -22.29 -6.15 13.47
N GLN A 335 -21.16 -6.75 13.86
CA GLN A 335 -20.83 -8.12 13.51
C GLN A 335 -20.50 -8.89 14.76
N PRO A 336 -21.37 -9.81 15.16
CA PRO A 336 -21.03 -10.73 16.25
C PRO A 336 -20.05 -11.82 15.83
N ILE A 337 -19.34 -12.35 16.82
CA ILE A 337 -18.59 -13.59 16.68
C ILE A 337 -19.03 -14.49 17.84
N VAL A 338 -19.56 -15.64 17.46
CA VAL A 338 -20.15 -16.56 18.43
C VAL A 338 -19.63 -17.98 18.06
N LYS A 339 -18.59 -18.43 18.73
CA LYS A 339 -17.97 -19.74 18.48
C LYS A 339 -18.02 -20.54 19.77
N GLY A 340 -18.44 -21.80 19.68
CA GLY A 340 -18.41 -22.65 20.87
C GLY A 340 -19.34 -22.20 21.97
N GLU A 341 -18.92 -22.49 23.20
CA GLU A 341 -19.74 -22.33 24.37
C GLU A 341 -19.70 -20.92 24.95
N ASP A 342 -20.71 -20.59 25.75
CA ASP A 342 -20.78 -19.26 26.38
C ASP A 342 -19.50 -19.01 27.19
N THR A 343 -18.88 -17.83 27.02
CA THR A 343 -17.57 -17.58 27.61
C THR A 343 -17.63 -17.14 29.09
N GLY A 344 -18.75 -16.58 29.53
CA GLY A 344 -18.80 -16.10 30.91
C GLY A 344 -18.43 -17.16 31.94
N PRO A 345 -19.08 -18.33 31.87
CA PRO A 345 -18.74 -19.35 32.87
C PRO A 345 -17.31 -19.85 32.78
N ILE A 346 -16.77 -19.84 31.56
CA ILE A 346 -15.40 -20.28 31.34
C ILE A 346 -14.43 -19.31 31.97
N PHE A 347 -14.64 -18.00 31.77
CA PHE A 347 -13.82 -17.00 32.45
C PHE A 347 -13.91 -17.14 33.96
N ALA A 348 -15.12 -17.40 34.47
CA ALA A 348 -15.32 -17.45 35.91
C ALA A 348 -14.51 -18.58 36.54
N SER A 349 -14.39 -19.70 35.84
CA SER A 349 -13.71 -20.86 36.42
C SER A 349 -12.29 -21.11 35.92
N ALA A 350 -11.77 -20.23 35.07
CA ALA A 350 -10.44 -20.42 34.53
C ALA A 350 -9.37 -20.16 35.57
N ASP A 351 -8.24 -20.84 35.41
CA ASP A 351 -7.08 -20.58 36.27
C ASP A 351 -6.58 -19.14 36.18
N VAL A 352 -6.57 -18.60 34.94
CA VAL A 352 -6.04 -17.26 34.72
CA VAL A 352 -6.03 -17.26 34.71
C VAL A 352 -6.89 -16.54 33.66
N THR A 353 -7.09 -15.25 33.87
CA THR A 353 -7.69 -14.40 32.87
C THR A 353 -6.87 -13.11 32.74
N VAL A 354 -6.90 -12.54 31.53
CA VAL A 354 -6.32 -11.21 31.28
C VAL A 354 -7.26 -10.42 30.40
N GLU A 355 -7.17 -9.09 30.48
CA GLU A 355 -8.00 -8.16 29.70
C GLU A 355 -7.16 -6.94 29.38
N GLY A 356 -7.39 -6.36 28.21
CA GLY A 356 -6.80 -5.10 27.87
C GLY A 356 -7.67 -4.25 26.99
N ASP A 357 -7.42 -2.93 27.08
CA ASP A 357 -8.00 -1.95 26.17
C ASP A 357 -6.88 -1.44 25.27
N PHE A 358 -7.09 -1.51 23.96
CA PHE A 358 -6.06 -1.18 22.98
C PHE A 358 -6.61 -0.22 21.95
N TYR A 359 -5.72 0.47 21.26
CA TYR A 359 -6.11 1.40 20.20
C TYR A 359 -5.07 1.39 19.12
N VAL A 360 -5.53 1.27 17.87
CA VAL A 360 -4.70 1.50 16.70
C VAL A 360 -5.42 2.57 15.89
N GLY A 361 -4.69 3.56 15.39
CA GLY A 361 -5.27 4.76 14.85
C GLY A 361 -5.32 4.91 13.35
N ARG A 362 -5.35 6.17 12.91
CA ARG A 362 -5.74 6.56 11.56
C ARG A 362 -4.51 6.62 10.66
N GLN A 363 -3.86 5.47 10.48
CA GLN A 363 -2.57 5.45 9.81
C GLN A 363 -2.71 6.00 8.37
N PRO A 364 -1.80 6.91 7.95
CA PRO A 364 -1.83 7.44 6.60
C PRO A 364 -0.90 6.66 5.68
N HIS A 365 -1.41 6.35 4.49
CA HIS A 365 -0.68 5.50 3.55
C HIS A 365 0.68 6.05 3.16
N MET A 366 0.73 7.36 2.90
CA MET A 366 1.96 8.09 2.54
C MET A 366 2.76 7.40 1.42
N PRO A 367 2.12 7.15 0.27
CA PRO A 367 2.92 6.86 -0.92
C PRO A 367 3.74 8.07 -1.28
N ILE A 368 4.87 7.86 -1.96
CA ILE A 368 5.68 9.04 -2.32
C ILE A 368 4.96 9.88 -3.41
N GLU A 369 4.19 9.21 -4.28
CA GLU A 369 3.39 9.86 -5.35
C GLU A 369 1.99 10.22 -4.83
N PRO A 370 1.64 11.52 -4.78
CA PRO A 370 0.28 11.90 -4.41
C PRO A 370 -0.71 11.55 -5.50
N ASP A 371 -1.97 11.46 -5.12
CA ASP A 371 -3.02 10.98 -6.04
C ASP A 371 -3.12 11.85 -7.29
N VAL A 372 -3.41 11.18 -8.41
CA VAL A 372 -3.49 11.84 -9.70
C VAL A 372 -4.33 10.99 -10.64
N ALA A 373 -5.12 11.64 -11.50
CA ALA A 373 -5.94 10.94 -12.47
C ALA A 373 -6.26 11.89 -13.61
N PHE A 374 -6.73 11.32 -14.70
CA PHE A 374 -7.22 12.09 -15.83
C PHE A 374 -8.33 11.37 -16.53
N ALA A 375 -9.07 12.10 -17.36
CA ALA A 375 -10.19 11.51 -18.09
C ALA A 375 -10.40 12.25 -19.37
N TYR A 376 -11.07 11.59 -20.30
CA TYR A 376 -11.38 12.20 -21.59
C TYR A 376 -12.53 11.45 -22.23
N MET A 377 -13.18 12.09 -23.21
CA MET A 377 -14.16 11.45 -24.03
C MET A 377 -13.43 10.89 -25.23
N GLY A 378 -13.60 9.59 -25.41
CA GLY A 378 -12.99 8.90 -26.52
C GLY A 378 -13.70 9.19 -27.82
N ASP A 379 -13.01 8.85 -28.91
CA ASP A 379 -13.55 9.03 -30.25
C ASP A 379 -14.73 8.07 -30.48
N ASP A 380 -14.79 7.05 -29.63
CA ASP A 380 -15.86 6.07 -29.63
C ASP A 380 -17.09 6.43 -28.76
N GLY A 381 -17.09 7.62 -28.17
CA GLY A 381 -18.20 8.10 -27.34
C GLY A 381 -18.11 7.71 -25.86
N LYS A 382 -17.16 6.85 -25.51
CA LYS A 382 -17.02 6.43 -24.13
C LYS A 382 -16.21 7.42 -23.32
N CYS A 383 -16.40 7.38 -22.01
CA CYS A 383 -15.59 8.18 -21.09
C CYS A 383 -14.47 7.28 -20.56
N TYR A 384 -13.22 7.72 -20.77
CA TYR A 384 -12.06 6.98 -20.30
C TYR A 384 -11.48 7.69 -19.07
N ILE A 385 -11.15 6.90 -18.05
CA ILE A 385 -10.50 7.39 -16.84
C ILE A 385 -9.22 6.59 -16.66
N HIS A 386 -8.12 7.32 -16.43
CA HIS A 386 -6.81 6.73 -16.17
C HIS A 386 -6.37 7.21 -14.79
N SER A 387 -6.20 6.29 -13.85
CA SER A 387 -5.98 6.69 -12.46
C SER A 387 -5.07 5.68 -11.74
N LYS A 388 -4.95 5.85 -10.43
CA LYS A 388 -4.24 4.91 -9.58
C LYS A 388 -5.18 3.79 -9.05
N SER A 389 -6.34 3.59 -9.67
CA SER A 389 -7.23 2.51 -9.25
C SER A 389 -6.49 1.18 -9.22
N ILE A 390 -6.65 0.46 -8.12
CA ILE A 390 -6.15 -0.92 -8.07
C ILE A 390 -7.31 -1.93 -8.17
N GLY A 391 -8.47 -1.46 -8.62
CA GLY A 391 -9.64 -2.30 -8.88
C GLY A 391 -10.49 -1.67 -9.95
N VAL A 392 -10.01 -1.77 -11.19
CA VAL A 392 -10.62 -0.99 -12.25
C VAL A 392 -12.07 -1.39 -12.54
N HIS A 393 -12.33 -2.69 -12.53
CA HIS A 393 -13.70 -3.17 -12.74
C HIS A 393 -14.60 -2.78 -11.54
N LEU A 394 -14.06 -2.94 -10.34
CA LEU A 394 -14.77 -2.57 -9.12
C LEU A 394 -15.18 -1.09 -9.17
N HIS A 395 -14.22 -0.23 -9.45
CA HIS A 395 -14.50 1.18 -9.43
C HIS A 395 -15.44 1.60 -10.53
N LEU A 396 -15.39 0.96 -11.68
CA LEU A 396 -16.35 1.25 -12.76
C LEU A 396 -17.78 1.14 -12.21
N TYR A 397 -18.07 0.02 -11.55
CA TYR A 397 -19.43 -0.18 -11.02
C TYR A 397 -19.74 0.68 -9.79
N MET A 398 -18.72 1.08 -9.03
CA MET A 398 -18.97 1.95 -7.89
C MET A 398 -19.34 3.37 -8.32
N ILE A 399 -18.84 3.80 -9.48
CA ILE A 399 -19.04 5.21 -9.89
C ILE A 399 -20.01 5.43 -11.05
N ALA A 400 -20.29 4.40 -11.84
CA ALA A 400 -21.08 4.61 -13.09
C ALA A 400 -22.48 5.20 -12.82
N PRO A 401 -23.22 4.66 -11.84
CA PRO A 401 -24.54 5.27 -11.60
C PRO A 401 -24.46 6.73 -11.16
N GLY A 402 -23.42 7.04 -10.40
CA GLY A 402 -23.26 8.39 -9.91
C GLY A 402 -22.90 9.41 -10.99
N VAL A 403 -22.05 9.00 -11.93
CA VAL A 403 -21.66 9.90 -13.02
C VAL A 403 -22.65 9.91 -14.17
N GLY A 404 -23.57 8.95 -14.16
CA GLY A 404 -24.65 8.92 -15.15
C GLY A 404 -24.29 8.22 -16.44
N LEU A 405 -23.49 7.15 -16.34
CA LEU A 405 -23.14 6.33 -17.51
C LEU A 405 -23.49 4.88 -17.29
N GLU A 406 -23.91 4.21 -18.35
CA GLU A 406 -24.01 2.78 -18.32
C GLU A 406 -22.61 2.19 -18.32
N PRO A 407 -22.47 0.97 -17.80
CA PRO A 407 -21.14 0.42 -17.62
C PRO A 407 -20.34 0.27 -18.90
N ASP A 408 -21.02 0.00 -20.02
CA ASP A 408 -20.32 -0.15 -21.28
C ASP A 408 -19.83 1.19 -21.88
N GLN A 409 -20.25 2.30 -21.28
CA GLN A 409 -19.88 3.61 -21.78
C GLN A 409 -18.76 4.30 -20.99
N LEU A 410 -18.16 3.56 -20.05
CA LEU A 410 -17.09 4.05 -19.21
C LEU A 410 -15.99 3.02 -19.30
N VAL A 411 -14.73 3.47 -19.36
CA VAL A 411 -13.57 2.58 -19.36
C VAL A 411 -12.59 3.09 -18.31
N LEU A 412 -12.18 2.21 -17.39
CA LEU A 412 -11.16 2.56 -16.39
C LEU A 412 -9.87 1.82 -16.70
N VAL A 413 -8.78 2.57 -16.57
CA VAL A 413 -7.43 2.10 -16.85
C VAL A 413 -6.55 2.47 -15.64
N ALA A 414 -5.67 1.56 -15.24
CA ALA A 414 -4.69 1.83 -14.16
C ALA A 414 -3.43 2.35 -14.81
N ASN A 415 -3.08 3.59 -14.50
CA ASN A 415 -1.74 4.11 -14.86
C ASN A 415 -0.65 3.41 -14.06
N PRO A 416 0.60 3.45 -14.57
CA PRO A 416 1.72 3.19 -13.65
C PRO A 416 1.57 4.09 -12.46
N MET A 417 1.85 3.57 -11.27
CA MET A 417 1.58 4.33 -10.04
C MET A 417 2.65 4.14 -8.99
N GLY A 418 2.82 5.20 -8.20
CA GLY A 418 3.85 5.29 -7.16
C GLY A 418 3.41 4.88 -5.79
N GLY A 419 2.78 3.71 -5.69
CA GLY A 419 2.34 3.17 -4.42
C GLY A 419 0.93 3.58 -4.03
N THR A 420 0.25 2.70 -3.28
CA THR A 420 -1.05 3.05 -2.67
C THR A 420 -1.22 2.43 -1.29
N PHE A 421 -0.77 1.19 -1.09
CA PHE A 421 -0.87 0.52 0.18
C PHE A 421 -2.31 0.39 0.65
N GLY A 422 -3.22 0.40 -0.31
CA GLY A 422 -4.63 0.17 -0.08
C GLY A 422 -5.53 1.36 -0.28
N TYR A 423 -4.99 2.59 -0.28
CA TYR A 423 -5.95 3.72 -0.33
C TYR A 423 -6.72 3.69 -1.65
N LYS A 424 -6.12 3.06 -2.68
CA LYS A 424 -6.76 2.96 -3.98
C LYS A 424 -7.65 1.75 -4.18
N PHE A 425 -7.97 1.06 -3.08
CA PHE A 425 -9.14 0.19 -3.07
C PHE A 425 -10.40 1.05 -3.10
N SER A 426 -10.29 2.32 -2.70
CA SER A 426 -11.39 3.30 -2.83
C SER A 426 -11.26 4.18 -4.06
N PRO A 427 -12.40 4.58 -4.64
CA PRO A 427 -12.35 5.70 -5.56
C PRO A 427 -11.85 6.94 -4.81
N THR A 428 -11.07 7.76 -5.48
CA THR A 428 -10.63 9.04 -4.94
C THR A 428 -11.03 10.12 -5.95
N SER A 429 -10.32 10.18 -7.07
CA SER A 429 -10.48 11.24 -8.07
C SER A 429 -11.21 10.77 -9.32
N GLU A 430 -11.54 9.46 -9.42
CA GLU A 430 -12.08 8.95 -10.69
C GLU A 430 -13.42 9.60 -11.08
N ALA A 431 -14.33 9.70 -10.11
CA ALA A 431 -15.61 10.28 -10.42
C ALA A 431 -15.51 11.77 -10.70
N LEU A 432 -14.65 12.47 -9.96
CA LEU A 432 -14.38 13.87 -10.22
C LEU A 432 -13.91 14.11 -11.65
N VAL A 433 -12.89 13.40 -12.09
CA VAL A 433 -12.40 13.63 -13.45
C VAL A 433 -13.45 13.22 -14.50
N ALA A 434 -14.17 12.11 -14.26
CA ALA A 434 -15.23 11.72 -15.19
C ALA A 434 -16.28 12.83 -15.35
N VAL A 435 -16.74 13.40 -14.23
CA VAL A 435 -17.77 14.42 -14.30
CA VAL A 435 -17.79 14.40 -14.35
C VAL A 435 -17.26 15.61 -15.14
N ALA A 436 -16.00 15.99 -14.89
CA ALA A 436 -15.45 17.14 -15.59
C ALA A 436 -15.24 16.88 -17.09
N ALA A 437 -14.79 15.69 -17.43
CA ALA A 437 -14.62 15.32 -18.85
C ALA A 437 -15.99 15.31 -19.54
N MET A 438 -16.99 14.74 -18.88
CA MET A 438 -18.33 14.66 -19.46
C MET A 438 -18.94 16.05 -19.64
N ALA A 439 -18.75 16.92 -18.64
CA ALA A 439 -19.34 18.26 -18.65
C ALA A 439 -18.71 19.18 -19.70
N THR A 440 -17.37 19.09 -19.81
CA THR A 440 -16.63 19.97 -20.73
C THR A 440 -16.48 19.40 -22.13
N GLY A 441 -16.53 18.09 -22.25
CA GLY A 441 -16.17 17.42 -23.49
C GLY A 441 -14.68 17.35 -23.79
N ARG A 442 -13.88 17.87 -22.87
CA ARG A 442 -12.44 18.04 -23.08
C ARG A 442 -11.66 17.07 -22.18
N PRO A 443 -10.41 16.74 -22.55
CA PRO A 443 -9.58 16.01 -21.62
C PRO A 443 -9.34 16.86 -20.37
N VAL A 444 -9.32 16.18 -19.21
CA VAL A 444 -9.10 16.83 -17.94
C VAL A 444 -8.08 16.06 -17.13
N HIS A 445 -7.32 16.79 -16.33
CA HIS A 445 -6.26 16.19 -15.50
C HIS A 445 -6.28 16.82 -14.12
N LEU A 446 -6.25 15.97 -13.07
CA LEU A 446 -6.30 16.41 -11.67
C LEU A 446 -5.17 15.78 -10.88
N ARG A 447 -4.31 16.63 -10.33
CA ARG A 447 -3.20 16.20 -9.49
C ARG A 447 -3.42 16.74 -8.10
N TYR A 448 -3.41 15.85 -7.13
CA TYR A 448 -3.45 16.25 -5.72
C TYR A 448 -2.06 16.65 -5.29
N ASN A 449 -1.96 17.67 -4.44
CA ASN A 449 -0.70 17.92 -3.78
C ASN A 449 -0.60 17.02 -2.53
N TYR A 450 0.51 17.10 -1.80
CA TYR A 450 0.71 16.14 -0.70
C TYR A 450 -0.25 16.40 0.47
N GLN A 451 -0.63 17.66 0.67
CA GLN A 451 -1.58 17.95 1.75
CA GLN A 451 -1.62 18.05 1.71
C GLN A 451 -2.96 17.36 1.43
N GLN A 452 -3.33 17.40 0.16
CA GLN A 452 -4.58 16.77 -0.31
C GLN A 452 -4.50 15.24 -0.25
N GLN A 453 -3.34 14.68 -0.59
CA GLN A 453 -3.12 13.24 -0.39
C GLN A 453 -3.34 12.84 1.05
N GLN A 454 -2.85 13.65 1.98
CA GLN A 454 -3.03 13.32 3.38
C GLN A 454 -4.47 13.57 3.87
N GLN A 455 -5.03 14.74 3.55
CA GLN A 455 -6.32 15.13 4.12
C GLN A 455 -7.51 14.53 3.39
N TYR A 456 -7.34 14.21 2.11
CA TYR A 456 -8.45 13.88 1.25
C TYR A 456 -8.24 12.64 0.41
N THR A 457 -7.53 11.68 0.99
CA THR A 457 -7.69 10.28 0.61
C THR A 457 -8.02 9.52 1.88
N GLY A 458 -8.56 8.31 1.71
CA GLY A 458 -8.96 7.55 2.87
C GLY A 458 -7.82 7.10 3.75
N LYS A 459 -8.14 6.55 4.91
CA LYS A 459 -7.12 6.20 5.91
C LYS A 459 -7.41 4.83 6.52
N ARG A 460 -6.40 4.23 7.15
CA ARG A 460 -6.69 3.13 8.05
C ARG A 460 -7.70 3.64 9.06
N SER A 461 -8.73 2.83 9.35
CA SER A 461 -9.77 3.21 10.29
C SER A 461 -9.36 2.91 11.71
N PRO A 462 -9.41 3.91 12.60
CA PRO A 462 -9.07 3.61 14.00
C PRO A 462 -10.02 2.56 14.62
N TRP A 463 -9.47 1.66 15.44
CA TRP A 463 -10.27 0.73 16.25
C TRP A 463 -9.98 0.95 17.72
N GLU A 464 -11.05 1.14 18.51
CA GLU A 464 -11.00 1.07 19.98
C GLU A 464 -11.37 -0.38 20.31
N MET A 465 -10.54 -1.09 21.05
CA MET A 465 -10.71 -2.53 21.25
C MET A 465 -10.55 -2.93 22.71
N ASN A 466 -11.38 -3.87 23.14
CA ASN A 466 -11.19 -4.54 24.42
C ASN A 466 -11.17 -6.03 24.11
N VAL A 467 -10.13 -6.71 24.56
CA VAL A 467 -10.02 -8.16 24.35
C VAL A 467 -9.65 -8.82 25.68
N LYS A 468 -10.18 -10.03 25.88
CA LYS A 468 -9.96 -10.80 27.10
CA LYS A 468 -9.96 -10.81 27.10
C LYS A 468 -9.66 -12.25 26.73
N PHE A 469 -8.73 -12.87 27.50
CA PHE A 469 -8.42 -14.31 27.37
C PHE A 469 -8.68 -14.99 28.72
N ALA A 470 -9.16 -16.23 28.64
CA ALA A 470 -9.18 -17.18 29.76
C ALA A 470 -8.30 -18.37 29.38
N ALA A 471 -7.50 -18.85 30.34
CA ALA A 471 -6.54 -19.93 30.07
C ALA A 471 -6.34 -20.81 31.30
N LYS A 472 -5.83 -22.02 31.05
CA LYS A 472 -5.32 -22.92 32.08
C LYS A 472 -3.93 -22.43 32.56
N LYS A 473 -3.52 -22.87 33.74
CA LYS A 473 -2.16 -22.61 34.25
C LYS A 473 -1.07 -23.02 33.26
N ASP A 474 -1.31 -24.11 32.51
CA ASP A 474 -0.30 -24.54 31.53
C ASP A 474 -0.26 -23.69 30.27
N GLY A 475 -1.11 -22.68 30.20
CA GLY A 475 -1.12 -21.75 29.08
C GLY A 475 -2.17 -22.04 28.01
N THR A 476 -2.88 -23.16 28.12
CA THR A 476 -3.89 -23.51 27.11
C THR A 476 -5.03 -22.50 27.12
N LEU A 477 -5.24 -21.84 26.00
CA LEU A 477 -6.36 -20.93 25.86
C LEU A 477 -7.68 -21.68 25.94
N LEU A 478 -8.62 -21.12 26.70
CA LEU A 478 -9.97 -21.66 26.85
C LEU A 478 -11.03 -20.83 26.14
N ALA A 479 -10.90 -19.49 26.19
CA ALA A 479 -11.96 -18.62 25.71
C ALA A 479 -11.40 -17.24 25.46
N MET A 480 -12.11 -16.52 24.60
CA MET A 480 -11.79 -15.12 24.31
C MET A 480 -13.11 -14.33 24.25
N GLU A 481 -13.05 -13.09 24.73
CA GLU A 481 -14.13 -12.11 24.54
C GLU A 481 -13.52 -10.92 23.84
N SER A 482 -14.29 -10.32 22.94
CA SER A 482 -13.76 -9.21 22.17
C SER A 482 -14.83 -8.14 21.88
N ASP A 483 -14.41 -6.87 21.89
CA ASP A 483 -15.30 -5.77 21.54
C ASP A 483 -14.48 -4.77 20.75
N TRP A 484 -14.98 -4.32 19.61
CA TRP A 484 -14.22 -3.35 18.82
C TRP A 484 -15.18 -2.36 18.16
N LEU A 485 -14.73 -1.12 18.11
CA LEU A 485 -15.46 0.00 17.55
C LEU A 485 -14.59 0.63 16.46
N VAL A 486 -15.11 0.59 15.24
CA VAL A 486 -14.38 1.00 14.01
C VAL A 486 -14.87 2.37 13.56
N ASP A 487 -13.98 3.35 13.64
CA ASP A 487 -14.23 4.74 13.20
C ASP A 487 -13.98 4.80 11.70
N HIS A 488 -15.05 4.84 10.89
CA HIS A 488 -14.89 4.72 9.44
C HIS A 488 -15.02 6.06 8.72
N GLY A 489 -14.99 7.19 9.46
CA GLY A 489 -15.28 8.46 8.86
C GLY A 489 -16.67 8.42 8.21
N PRO A 490 -16.91 9.31 7.24
CA PRO A 490 -18.31 9.51 6.85
C PRO A 490 -18.81 8.61 5.72
N TYR A 491 -17.90 7.89 5.07
CA TYR A 491 -18.25 7.14 3.86
C TYR A 491 -18.10 5.65 4.13
N SER A 492 -19.22 4.97 3.89
CA SER A 492 -19.39 3.58 4.34
C SER A 492 -18.66 2.51 3.56
N GLU A 493 -18.14 2.81 2.37
CA GLU A 493 -17.61 1.75 1.50
C GLU A 493 -16.69 0.80 2.25
N PHE A 494 -17.05 -0.49 2.23
CA PHE A 494 -16.26 -1.59 2.83
C PHE A 494 -16.04 -1.45 4.34
N GLY A 495 -16.81 -0.61 5.02
CA GLY A 495 -16.64 -0.46 6.47
C GLY A 495 -17.20 -1.61 7.27
N ASP A 496 -18.37 -2.12 6.84
CA ASP A 496 -18.93 -3.30 7.44
C ASP A 496 -17.97 -4.50 7.29
N LEU A 497 -17.45 -4.67 6.10
CA LEU A 497 -16.47 -5.73 5.83
C LEU A 497 -15.22 -5.62 6.71
N LEU A 498 -14.70 -4.40 6.84
CA LEU A 498 -13.56 -4.18 7.72
C LEU A 498 -13.87 -4.61 9.14
N THR A 499 -15.10 -4.33 9.58
CA THR A 499 -15.51 -4.70 10.92
C THR A 499 -15.57 -6.19 11.09
N LEU A 500 -16.07 -6.88 10.06
CA LEU A 500 -16.03 -8.36 10.06
C LEU A 500 -14.62 -8.95 10.18
N ARG A 501 -13.61 -8.25 9.67
CA ARG A 501 -12.23 -8.72 9.84
C ARG A 501 -11.87 -8.92 11.30
N GLY A 502 -12.47 -8.14 12.22
CA GLY A 502 -12.19 -8.33 13.63
C GLY A 502 -12.67 -9.66 14.17
N ALA A 503 -13.78 -10.15 13.62
CA ALA A 503 -14.26 -11.50 14.00
C ALA A 503 -13.33 -12.60 13.49
N GLN A 504 -12.75 -12.35 12.34
CA GLN A 504 -11.87 -13.33 11.69
C GLN A 504 -10.47 -13.35 12.29
N PHE A 505 -9.95 -12.20 12.71
CA PHE A 505 -8.51 -12.08 13.03
C PHE A 505 -8.14 -11.74 14.45
N ILE A 506 -9.06 -11.21 15.27
CA ILE A 506 -8.70 -11.05 16.69
C ILE A 506 -8.49 -12.46 17.23
N GLY A 507 -7.31 -12.72 17.76
CA GLY A 507 -6.97 -14.03 18.28
C GLY A 507 -6.54 -15.07 17.27
N ALA A 508 -6.41 -14.68 16.00
CA ALA A 508 -5.97 -15.65 15.01
C ALA A 508 -4.56 -16.17 15.33
N GLY A 509 -4.32 -17.43 14.97
CA GLY A 509 -3.04 -18.10 15.16
C GLY A 509 -3.14 -19.27 16.14
N TYR A 510 -4.18 -19.25 17.00
CA TYR A 510 -4.30 -20.20 18.11
C TYR A 510 -5.61 -20.95 18.10
N ASN A 511 -5.61 -22.13 18.70
CA ASN A 511 -6.89 -22.80 18.90
C ASN A 511 -7.66 -22.16 20.07
N ILE A 512 -8.77 -21.52 19.77
CA ILE A 512 -9.62 -20.87 20.77
C ILE A 512 -11.04 -21.40 20.60
N PRO A 513 -11.45 -22.39 21.45
CA PRO A 513 -12.71 -23.07 21.11
C PRO A 513 -13.97 -22.24 21.35
N ASN A 514 -13.90 -21.28 22.26
CA ASN A 514 -15.06 -20.52 22.72
C ASN A 514 -14.79 -19.03 22.61
N ILE A 515 -15.59 -18.34 21.82
CA ILE A 515 -15.40 -16.93 21.54
C ILE A 515 -16.76 -16.25 21.60
N ARG A 516 -16.82 -15.11 22.28
CA ARG A 516 -17.99 -14.22 22.20
C ARG A 516 -17.50 -12.79 22.02
N GLY A 517 -17.93 -12.15 20.94
CA GLY A 517 -17.47 -10.81 20.66
C GLY A 517 -18.42 -10.04 19.76
N LEU A 518 -18.16 -8.76 19.64
CA LEU A 518 -18.99 -7.86 18.84
C LEU A 518 -18.19 -6.68 18.31
N GLY A 519 -18.20 -6.54 16.99
CA GLY A 519 -17.67 -5.36 16.35
C GLY A 519 -18.76 -4.43 15.90
N ARG A 520 -18.48 -3.14 15.97
CA ARG A 520 -19.44 -2.12 15.55
CA ARG A 520 -19.43 -2.09 15.60
C ARG A 520 -18.73 -1.09 14.68
N THR A 521 -19.43 -0.66 13.63
CA THR A 521 -18.92 0.34 12.71
C THR A 521 -19.65 1.64 12.93
N VAL A 522 -18.90 2.74 13.05
CA VAL A 522 -19.48 4.05 13.27
C VAL A 522 -19.00 5.09 12.27
N ALA A 523 -19.96 5.84 11.74
CA ALA A 523 -19.66 6.99 10.89
C ALA A 523 -19.18 8.15 11.77
N THR A 524 -18.13 8.82 11.34
CA THR A 524 -17.63 10.03 11.99
C THR A 524 -17.35 11.09 10.94
N ASN A 525 -16.91 12.28 11.40
CA ASN A 525 -16.48 13.34 10.51
C ASN A 525 -14.98 13.44 10.34
N HIS A 526 -14.22 12.46 10.83
CA HIS A 526 -12.80 12.39 10.50
C HIS A 526 -12.66 11.66 9.16
N VAL A 527 -11.43 11.41 8.71
CA VAL A 527 -11.25 10.95 7.34
C VAL A 527 -11.92 9.59 7.11
N TRP A 528 -12.55 9.45 5.95
CA TRP A 528 -13.19 8.18 5.64
C TRP A 528 -12.20 7.03 5.57
N GLY A 529 -12.72 5.83 5.82
CA GLY A 529 -11.88 4.64 5.82
C GLY A 529 -11.65 4.09 4.43
N SER A 530 -10.37 3.94 4.07
CA SER A 530 -9.97 3.17 2.92
C SER A 530 -9.04 2.06 3.38
N ALA A 531 -9.04 0.94 2.67
CA ALA A 531 -8.14 -0.13 3.03
C ALA A 531 -6.74 0.39 3.25
N PHE A 532 -6.08 -0.15 4.27
CA PHE A 532 -4.64 0.03 4.45
C PHE A 532 -4.11 -1.35 4.73
N ARG A 533 -3.17 -1.74 3.88
CA ARG A 533 -2.37 -2.97 3.97
C ARG A 533 -2.51 -3.69 5.31
N GLY A 534 -3.24 -4.80 5.28
CA GLY A 534 -3.57 -5.55 6.48
C GLY A 534 -5.04 -5.50 6.83
N TYR A 535 -5.71 -4.41 6.44
CA TYR A 535 -7.16 -4.28 6.43
C TYR A 535 -7.84 -5.07 7.58
N GLY A 536 -7.73 -4.49 8.76
CA GLY A 536 -8.31 -5.04 9.96
C GLY A 536 -7.39 -5.89 10.77
N ALA A 537 -6.41 -6.56 10.15
CA ALA A 537 -5.47 -7.36 10.95
C ALA A 537 -4.52 -6.51 11.81
N PRO A 538 -4.04 -5.36 11.30
CA PRO A 538 -3.13 -4.61 12.16
C PRO A 538 -3.80 -4.15 13.46
N GLN A 539 -5.07 -3.83 13.37
CA GLN A 539 -5.84 -3.50 14.57
C GLN A 539 -6.07 -4.74 15.43
N SER A 540 -6.67 -5.75 14.80
CA SER A 540 -7.08 -6.97 15.49
C SER A 540 -5.94 -7.64 16.21
N MET A 541 -4.86 -7.84 15.47
CA MET A 541 -3.73 -8.61 15.97
C MET A 541 -2.82 -7.80 16.88
N PHE A 542 -2.83 -6.47 16.76
CA PHE A 542 -2.20 -5.69 17.81
C PHE A 542 -2.84 -6.02 19.17
N ALA A 543 -4.17 -6.02 19.22
CA ALA A 543 -4.84 -6.32 20.47
C ALA A 543 -4.48 -7.73 20.94
N SER A 544 -4.72 -8.74 20.10
CA SER A 544 -4.56 -10.11 20.60
C SER A 544 -3.10 -10.51 20.83
N GLU A 545 -2.18 -9.99 20.03
CA GLU A 545 -0.77 -10.36 20.21
C GLU A 545 -0.14 -9.64 21.40
N CYS A 546 -0.60 -8.41 21.72
CA CYS A 546 -0.18 -7.79 22.96
C CYS A 546 -0.79 -8.54 24.15
N LEU A 547 -2.05 -8.91 24.03
CA LEU A 547 -2.72 -9.61 25.11
C LEU A 547 -2.08 -10.99 25.35
N MET A 548 -1.57 -11.66 24.32
CA MET A 548 -0.86 -12.93 24.52
C MET A 548 0.36 -12.71 25.41
N ASP A 549 1.09 -11.63 25.18
CA ASP A 549 2.25 -11.35 26.07
C ASP A 549 1.80 -11.03 27.50
N MET A 550 0.66 -10.36 27.64
CA MET A 550 0.13 -10.08 28.98
C MET A 550 -0.26 -11.39 29.68
N LEU A 551 -0.83 -12.31 28.94
CA LEU A 551 -1.15 -13.62 29.46
C LEU A 551 0.12 -14.38 29.89
N ALA A 552 1.12 -14.37 29.04
CA ALA A 552 2.40 -15.01 29.36
C ALA A 552 2.97 -14.41 30.65
N GLU A 553 2.94 -13.09 30.79
CA GLU A 553 3.49 -12.41 31.97
C GLU A 553 2.73 -12.87 33.22
N LYS A 554 1.41 -12.94 33.11
CA LYS A 554 0.59 -13.31 34.26
C LYS A 554 0.81 -14.78 34.68
N LEU A 555 1.15 -15.62 33.71
CA LEU A 555 1.47 -17.03 33.97
C LEU A 555 2.91 -17.25 34.37
N GLY A 556 3.77 -16.25 34.19
CA GLY A 556 5.22 -16.44 34.35
C GLY A 556 5.80 -17.37 33.30
N MET A 557 5.23 -17.30 32.11
CA MET A 557 5.67 -18.15 30.99
C MET A 557 6.38 -17.28 29.96
N ASP A 558 7.33 -17.89 29.26
CA ASP A 558 7.96 -17.22 28.14
C ASP A 558 6.94 -16.99 27.02
N PRO A 559 6.93 -15.77 26.43
CA PRO A 559 5.84 -15.52 25.46
C PRO A 559 5.96 -16.31 24.15
N LEU A 560 7.18 -16.68 23.74
CA LEU A 560 7.29 -17.55 22.56
C LEU A 560 6.74 -18.95 22.90
N GLU A 561 7.02 -19.44 24.11
CA GLU A 561 6.55 -20.79 24.46
C GLU A 561 5.04 -20.81 24.64
N LEU A 562 4.46 -19.72 25.15
CA LEU A 562 2.99 -19.67 25.26
C LEU A 562 2.36 -19.77 23.88
N ARG A 563 2.94 -19.09 22.90
CA ARG A 563 2.44 -19.23 21.53
C ARG A 563 2.63 -20.62 20.97
N TYR A 564 3.80 -21.22 21.23
CA TYR A 564 4.04 -22.59 20.81
C TYR A 564 2.99 -23.54 21.33
N LYS A 565 2.58 -23.35 22.58
CA LYS A 565 1.58 -24.23 23.22
C LYS A 565 0.24 -24.18 22.49
N ASN A 566 -0.11 -22.99 21.99
CA ASN A 566 -1.47 -22.76 21.45
C ASN A 566 -1.58 -22.68 19.94
N ALA A 567 -0.45 -22.62 19.25
CA ALA A 567 -0.46 -22.42 17.79
C ALA A 567 -1.19 -23.53 17.04
N TYR A 568 -1.83 -23.17 15.91
CA TYR A 568 -2.65 -24.11 15.14
C TYR A 568 -1.88 -25.40 14.85
N ARG A 569 -2.54 -26.52 15.14
CA ARG A 569 -2.10 -27.83 14.76
C ARG A 569 -3.29 -28.59 14.21
N PRO A 570 -3.05 -29.70 13.51
CA PRO A 570 -4.17 -30.44 12.91
C PRO A 570 -5.26 -30.74 13.94
N GLY A 571 -6.51 -30.52 13.54
CA GLY A 571 -7.66 -30.66 14.43
C GLY A 571 -8.21 -29.35 14.93
N ASP A 572 -7.35 -28.35 14.98
CA ASP A 572 -7.74 -27.02 15.45
C ASP A 572 -8.56 -26.27 14.42
N THR A 573 -9.29 -25.26 14.89
CA THR A 573 -9.95 -24.32 14.00
C THR A 573 -9.60 -22.90 14.36
N ASN A 574 -9.73 -22.02 13.36
CA ASN A 574 -9.52 -20.60 13.50
C ASN A 574 -10.78 -19.95 14.11
N PRO A 575 -10.78 -18.62 14.31
CA PRO A 575 -11.91 -18.02 15.00
C PRO A 575 -13.25 -18.22 14.32
N THR A 576 -13.26 -18.41 12.99
CA THR A 576 -14.52 -18.59 12.28
C THR A 576 -14.91 -20.06 12.12
N GLY A 577 -14.22 -20.93 12.85
CA GLY A 577 -14.54 -22.35 12.90
C GLY A 577 -13.99 -23.19 11.75
N GLN A 578 -13.09 -22.62 10.97
CA GLN A 578 -12.52 -23.25 9.82
C GLN A 578 -11.18 -23.89 10.17
N GLU A 579 -10.89 -25.05 9.59
CA GLU A 579 -9.58 -25.66 9.74
CA GLU A 579 -9.58 -25.64 9.78
C GLU A 579 -8.56 -24.91 8.91
N PRO A 580 -7.40 -24.58 9.51
CA PRO A 580 -6.30 -24.08 8.67
C PRO A 580 -5.91 -25.07 7.58
N GLU A 581 -5.36 -24.56 6.49
CA GLU A 581 -5.06 -25.38 5.33
C GLU A 581 -3.66 -25.98 5.36
N VAL A 582 -2.78 -25.34 6.11
CA VAL A 582 -1.43 -25.83 6.42
C VAL A 582 -1.17 -25.46 7.87
N PHE A 583 -0.14 -26.07 8.46
CA PHE A 583 0.18 -25.95 9.89
C PHE A 583 1.66 -25.72 10.03
N SER A 584 2.04 -24.47 9.82
CA SER A 584 3.43 -24.07 9.82
C SER A 584 3.90 -23.25 11.02
N LEU A 585 2.98 -22.83 11.89
CA LEU A 585 3.40 -21.98 13.00
C LEU A 585 4.36 -22.72 13.97
N PRO A 586 4.06 -23.98 14.37
CA PRO A 586 5.05 -24.68 15.23
C PRO A 586 6.44 -24.77 14.59
N ASP A 587 6.52 -25.10 13.30
CA ASP A 587 7.78 -25.21 12.56
CA ASP A 587 7.83 -25.20 12.63
C ASP A 587 8.53 -23.85 12.65
N MET A 588 7.81 -22.77 12.35
CA MET A 588 8.41 -21.46 12.36
C MET A 588 8.89 -21.08 13.75
N ILE A 589 8.10 -21.37 14.78
CA ILE A 589 8.50 -21.07 16.16
C ILE A 589 9.73 -21.87 16.54
N ASP A 590 9.76 -23.16 16.18
CA ASP A 590 10.91 -23.99 16.50
C ASP A 590 12.19 -23.46 15.83
N GLN A 591 12.06 -22.98 14.59
CA GLN A 591 13.23 -22.44 13.86
C GLN A 591 13.65 -21.07 14.39
N LEU A 592 12.69 -20.29 14.91
CA LEU A 592 13.00 -18.99 15.50
C LEU A 592 13.61 -19.11 16.90
N ARG A 593 13.21 -20.13 17.66
CA ARG A 593 13.54 -20.20 19.07
C ARG A 593 15.00 -19.91 19.41
N PRO A 594 15.99 -20.54 18.74
CA PRO A 594 17.36 -20.24 19.19
C PRO A 594 17.78 -18.81 18.88
N LYS A 595 17.25 -18.24 17.80
CA LYS A 595 17.51 -16.84 17.45
CA LYS A 595 17.54 -16.84 17.46
C LYS A 595 16.90 -15.89 18.47
N TYR A 596 15.72 -16.25 18.93
CA TYR A 596 15.07 -15.49 20.02
C TYR A 596 15.87 -15.56 21.31
N GLN A 597 16.32 -16.75 21.68
CA GLN A 597 17.10 -16.88 22.90
C GLN A 597 18.42 -16.10 22.80
N ALA A 598 19.10 -16.17 21.64
CA ALA A 598 20.32 -15.39 21.44
C ALA A 598 20.04 -13.88 21.50
N ALA A 599 18.92 -13.46 20.92
CA ALA A 599 18.55 -12.06 20.97
C ALA A 599 18.28 -11.60 22.40
N LEU A 600 17.66 -12.46 23.21
CA LEU A 600 17.42 -12.12 24.61
C LEU A 600 18.73 -11.92 25.37
N GLU A 601 19.68 -12.79 25.09
CA GLU A 601 20.96 -12.72 25.77
C GLU A 601 21.74 -11.49 25.33
N LYS A 602 21.67 -11.15 24.04
CA LYS A 602 22.31 -9.93 23.55
C LYS A 602 21.71 -8.70 24.22
N ALA A 603 20.37 -8.69 24.31
CA ALA A 603 19.70 -7.54 24.91
C ALA A 603 20.13 -7.35 26.36
N GLN A 604 20.22 -8.44 27.12
CA GLN A 604 20.69 -8.37 28.52
CA GLN A 604 20.66 -8.33 28.51
C GLN A 604 22.11 -7.81 28.59
N LYS A 605 22.99 -8.33 27.73
CA LYS A 605 24.42 -7.93 27.74
C LYS A 605 24.67 -6.49 27.34
N GLU A 606 23.90 -6.02 26.35
CA GLU A 606 24.19 -4.75 25.74
C GLU A 606 23.36 -3.61 26.34
N SER A 607 22.38 -3.93 27.19
CA SER A 607 21.62 -2.89 27.89
C SER A 607 22.57 -2.08 28.81
N THR A 608 22.25 -0.80 28.98
CA THR A 608 22.97 0.06 29.90
C THR A 608 21.94 0.71 30.79
N ALA A 609 22.39 1.55 31.72
CA ALA A 609 21.47 2.17 32.65
C ALA A 609 20.44 3.04 31.96
N THR A 610 20.85 3.65 30.86
CA THR A 610 20.00 4.57 30.13
C THR A 610 19.39 4.02 28.85
N HIS A 611 20.02 3.01 28.25
CA HIS A 611 19.55 2.48 26.99
C HIS A 611 19.22 1.01 27.18
N LYS A 612 17.92 0.76 27.32
CA LYS A 612 17.43 -0.58 27.68
CA LYS A 612 17.41 -0.57 27.68
C LYS A 612 17.00 -1.32 26.42
N LYS A 613 17.53 -2.54 26.26
CA LYS A 613 17.24 -3.35 25.09
C LYS A 613 16.21 -4.42 25.43
N GLY A 614 15.37 -4.73 24.44
CA GLY A 614 14.34 -5.74 24.61
C GLY A 614 14.06 -6.49 23.34
N VAL A 615 13.37 -7.62 23.48
CA VAL A 615 13.00 -8.48 22.38
C VAL A 615 11.52 -8.81 22.50
N GLY A 616 10.80 -8.69 21.38
CA GLY A 616 9.39 -8.96 21.34
C GLY A 616 9.01 -9.89 20.21
N ILE A 617 7.96 -10.66 20.45
CA ILE A 617 7.44 -11.65 19.49
C ILE A 617 5.99 -11.33 19.15
N SER A 618 5.58 -11.71 17.94
CA SER A 618 4.15 -11.80 17.63
C SER A 618 3.97 -12.78 16.49
N ILE A 619 2.73 -13.24 16.35
CA ILE A 619 2.30 -14.02 15.20
C ILE A 619 1.44 -13.14 14.30
N GLY A 620 1.49 -13.40 12.99
CA GLY A 620 0.57 -12.78 12.05
C GLY A 620 -0.12 -13.83 11.18
N VAL A 621 -1.37 -13.56 10.83
CA VAL A 621 -2.16 -14.40 9.94
C VAL A 621 -3.03 -13.48 9.11
N TYR A 622 -3.22 -13.79 7.84
CA TYR A 622 -4.22 -13.08 7.04
C TYR A 622 -4.63 -13.91 5.85
N GLY A 623 -5.83 -13.65 5.34
CA GLY A 623 -6.29 -14.38 4.16
C GLY A 623 -5.65 -13.87 2.89
N SER A 624 -5.58 -14.75 1.88
CA SER A 624 -5.27 -14.38 0.51
C SER A 624 -6.55 -14.58 -0.30
N GLY A 625 -7.20 -13.48 -0.64
CA GLY A 625 -8.49 -13.51 -1.31
C GLY A 625 -9.44 -12.44 -0.81
N LEU A 626 -10.47 -12.18 -1.60
CA LEU A 626 -11.70 -11.55 -1.11
CA LEU A 626 -11.62 -11.57 -0.98
C LEU A 626 -12.55 -12.67 -0.48
N ASP A 627 -13.42 -12.32 0.46
CA ASP A 627 -14.19 -13.34 1.20
C ASP A 627 -15.05 -14.20 0.27
N GLY A 628 -15.16 -15.47 0.61
CA GLY A 628 -16.06 -16.36 -0.13
C GLY A 628 -15.39 -16.88 -1.37
N PRO A 629 -16.19 -17.36 -2.32
CA PRO A 629 -15.65 -18.05 -3.52
C PRO A 629 -15.21 -17.04 -4.57
N ASP A 630 -14.11 -16.39 -4.24
CA ASP A 630 -13.46 -15.42 -5.08
C ASP A 630 -13.00 -16.11 -6.36
N ALA A 631 -12.75 -15.32 -7.40
CA ALA A 631 -12.39 -15.87 -8.71
C ALA A 631 -11.61 -14.88 -9.52
N SER A 632 -10.96 -15.41 -10.55
CA SER A 632 -10.26 -14.58 -11.50
C SER A 632 -10.28 -15.21 -12.88
N GLU A 633 -9.78 -14.45 -13.85
CA GLU A 633 -9.77 -14.84 -15.28
C GLU A 633 -8.52 -14.22 -15.90
N ALA A 634 -7.96 -14.96 -16.86
CA ALA A 634 -6.79 -14.55 -17.65
C ALA A 634 -7.01 -15.07 -19.06
N TRP A 635 -6.41 -14.41 -20.03
CA TRP A 635 -6.37 -14.88 -21.42
C TRP A 635 -4.90 -15.08 -21.82
N ALA A 636 -4.57 -16.25 -22.34
CA ALA A 636 -3.19 -16.54 -22.80
C ALA A 636 -3.22 -16.58 -24.32
N GLU A 637 -2.44 -15.70 -24.93
CA GLU A 637 -2.49 -15.52 -26.38
C GLU A 637 -1.12 -15.67 -27.04
N LEU A 638 -1.05 -16.58 -28.01
CA LEU A 638 0.13 -16.71 -28.85
C LEU A 638 0.04 -15.64 -29.93
N ASN A 639 1.04 -14.77 -29.97
CA ASN A 639 1.10 -13.70 -30.96
C ASN A 639 1.84 -14.14 -32.22
N ALA A 640 1.63 -13.42 -33.30
CA ALA A 640 2.22 -13.79 -34.58
C ALA A 640 3.75 -13.86 -34.52
N ASP A 641 4.34 -13.02 -33.67
CA ASP A 641 5.79 -12.98 -33.53
C ASP A 641 6.34 -14.04 -32.56
N GLY A 642 5.49 -14.96 -32.10
CA GLY A 642 5.92 -16.04 -31.20
C GLY A 642 5.98 -15.66 -29.73
N THR A 643 5.79 -14.40 -29.39
CA THR A 643 5.62 -14.01 -27.99
C THR A 643 4.22 -14.43 -27.53
N ILE A 644 4.04 -14.43 -26.21
CA ILE A 644 2.77 -14.78 -25.62
C ILE A 644 2.34 -13.64 -24.70
N THR A 645 1.12 -13.14 -24.89
CA THR A 645 0.57 -12.13 -24.01
C THR A 645 -0.39 -12.78 -23.06
N VAL A 646 -0.17 -12.50 -21.77
CA VAL A 646 -1.05 -12.97 -20.72
C VAL A 646 -1.87 -11.78 -20.27
N HIS A 647 -3.13 -11.74 -20.73
CA HIS A 647 -4.05 -10.66 -20.49
C HIS A 647 -4.71 -10.82 -19.14
N THR A 648 -4.50 -9.86 -18.25
CA THR A 648 -5.16 -9.78 -16.96
C THR A 648 -5.40 -8.34 -16.58
N ALA A 649 -6.23 -8.15 -15.57
CA ALA A 649 -6.34 -6.87 -14.88
C ALA A 649 -5.66 -6.91 -13.52
N TRP A 650 -4.52 -7.57 -13.42
CA TRP A 650 -3.76 -7.57 -12.17
C TRP A 650 -3.17 -6.19 -11.92
N GLU A 651 -3.79 -5.43 -11.00
CA GLU A 651 -3.41 -4.04 -10.83
C GLU A 651 -2.11 -3.91 -10.05
N ASP A 652 -1.21 -3.08 -10.57
CA ASP A 652 0.12 -2.95 -9.98
C ASP A 652 0.23 -1.68 -9.15
N HIS A 653 0.14 -1.82 -7.82
CA HIS A 653 0.46 -0.73 -6.91
C HIS A 653 1.97 -0.42 -6.96
N GLY A 654 2.76 -1.35 -7.50
CA GLY A 654 4.20 -1.41 -7.36
C GLY A 654 4.68 -2.69 -6.72
N GLN A 655 3.74 -3.54 -6.27
CA GLN A 655 4.12 -4.78 -5.61
C GLN A 655 4.74 -5.82 -6.53
N GLY A 656 4.44 -5.75 -7.83
CA GLY A 656 4.97 -6.68 -8.81
C GLY A 656 3.98 -7.46 -9.64
N ALA A 657 2.90 -6.81 -10.08
CA ALA A 657 1.93 -7.49 -10.96
C ALA A 657 2.58 -8.01 -12.22
N ASP A 658 3.56 -7.25 -12.73
CA ASP A 658 4.28 -7.61 -13.93
C ASP A 658 5.05 -8.92 -13.78
N ILE A 659 5.86 -8.99 -12.73
CA ILE A 659 6.67 -10.19 -12.49
C ILE A 659 5.83 -11.37 -11.98
N GLY A 660 4.75 -11.10 -11.24
CA GLY A 660 3.85 -12.18 -10.86
C GLY A 660 3.22 -12.84 -12.07
N CYS A 661 2.83 -12.01 -13.03
CA CYS A 661 2.28 -12.54 -14.28
C CYS A 661 3.32 -13.35 -15.06
N VAL A 662 4.48 -12.74 -15.30
CA VAL A 662 5.51 -13.39 -16.09
C VAL A 662 6.02 -14.66 -15.43
N GLY A 663 6.30 -14.62 -14.14
CA GLY A 663 6.80 -15.80 -13.46
C GLY A 663 5.83 -16.96 -13.37
N THR A 664 4.56 -16.63 -13.10
CA THR A 664 3.53 -17.66 -13.02
C THR A 664 3.30 -18.28 -14.40
N ALA A 665 3.19 -17.43 -15.42
CA ALA A 665 3.01 -17.91 -16.79
C ALA A 665 4.21 -18.73 -17.25
N HIS A 666 5.41 -18.28 -16.92
CA HIS A 666 6.60 -19.00 -17.32
C HIS A 666 6.57 -20.43 -16.79
N GLU A 667 6.26 -20.57 -15.51
CA GLU A 667 6.18 -21.90 -14.89
C GLU A 667 5.11 -22.77 -15.55
N ALA A 668 3.94 -22.19 -15.82
CA ALA A 668 2.85 -22.92 -16.44
C ALA A 668 3.18 -23.33 -17.89
N LEU A 669 4.01 -22.53 -18.55
CA LEU A 669 4.34 -22.76 -19.97
C LEU A 669 5.60 -23.59 -20.20
N ARG A 670 6.23 -24.05 -19.12
CA ARG A 670 7.50 -24.77 -19.25
C ARG A 670 7.48 -25.95 -20.24
N PRO A 671 6.35 -26.69 -20.34
CA PRO A 671 6.36 -27.80 -21.30
C PRO A 671 6.62 -27.36 -22.74
N MET A 672 6.24 -26.12 -23.05
CA MET A 672 6.45 -25.57 -24.39
C MET A 672 7.75 -24.77 -24.53
N GLY A 673 8.48 -24.61 -23.41
CA GLY A 673 9.84 -24.02 -23.50
C GLY A 673 9.82 -22.54 -23.83
N VAL A 674 8.94 -21.79 -23.18
CA VAL A 674 8.78 -20.34 -23.47
C VAL A 674 9.76 -19.51 -22.61
N ALA A 675 10.62 -18.74 -23.26
CA ALA A 675 11.56 -17.86 -22.55
C ALA A 675 10.81 -16.73 -21.85
N PRO A 676 11.29 -16.32 -20.68
CA PRO A 676 10.55 -15.31 -19.92
C PRO A 676 10.42 -13.98 -20.62
N GLU A 677 11.41 -13.59 -21.42
CA GLU A 677 11.32 -12.33 -22.10
C GLU A 677 10.29 -12.34 -23.24
N LYS A 678 9.81 -13.51 -23.61
CA LYS A 678 8.78 -13.62 -24.63
C LYS A 678 7.36 -13.52 -24.05
N ILE A 679 7.24 -13.36 -22.72
CA ILE A 679 5.94 -13.30 -22.08
C ILE A 679 5.62 -11.86 -21.70
N LYS A 680 4.48 -11.40 -22.17
CA LYS A 680 4.05 -10.02 -21.99
C LYS A 680 2.87 -9.95 -21.04
N PHE A 681 2.83 -8.90 -20.26
CA PHE A 681 1.70 -8.63 -19.35
C PHE A 681 0.89 -7.45 -19.92
N THR A 682 -0.31 -7.23 -19.37
CA THR A 682 -1.18 -6.15 -19.82
C THR A 682 -1.51 -5.23 -18.67
N TRP A 683 -1.44 -3.93 -18.94
CA TRP A 683 -1.92 -2.94 -17.97
C TRP A 683 -3.45 -3.04 -17.85
N PRO A 684 -3.98 -2.88 -16.64
CA PRO A 684 -5.43 -3.09 -16.43
C PRO A 684 -6.28 -2.09 -17.19
N ASN A 685 -7.32 -2.59 -17.85
CA ASN A 685 -8.20 -1.80 -18.69
C ASN A 685 -9.55 -2.51 -18.73
N THR A 686 -10.63 -1.86 -18.29
CA THR A 686 -11.91 -2.60 -18.16
C THR A 686 -12.52 -3.04 -19.48
N ALA A 687 -12.14 -2.39 -20.57
CA ALA A 687 -12.64 -2.74 -21.89
C ALA A 687 -11.90 -3.91 -22.53
N THR A 688 -10.61 -4.06 -22.27
CA THR A 688 -9.76 -4.96 -23.03
C THR A 688 -9.01 -6.00 -22.20
N THR A 689 -9.25 -6.05 -20.90
CA THR A 689 -8.68 -7.09 -20.03
C THR A 689 -9.81 -7.70 -19.22
N PRO A 690 -9.66 -8.98 -18.84
CA PRO A 690 -10.73 -9.64 -18.09
C PRO A 690 -10.82 -9.13 -16.65
N ASN A 691 -11.94 -9.43 -16.01
CA ASN A 691 -12.18 -9.03 -14.62
C ASN A 691 -11.42 -9.94 -13.66
N SER A 692 -10.13 -9.67 -13.54
CA SER A 692 -9.25 -10.43 -12.64
C SER A 692 -9.47 -10.04 -11.18
N GLY A 693 -10.16 -8.91 -10.99
CA GLY A 693 -10.47 -8.41 -9.66
C GLY A 693 -9.44 -7.46 -9.13
N PRO A 694 -9.72 -6.87 -7.98
CA PRO A 694 -8.84 -5.84 -7.41
C PRO A 694 -7.61 -6.44 -6.76
N SER A 695 -6.55 -5.63 -6.69
CA SER A 695 -5.36 -6.01 -5.96
C SER A 695 -5.54 -5.59 -4.50
N GLY A 696 -6.45 -6.28 -3.81
CA GLY A 696 -6.68 -6.12 -2.39
C GLY A 696 -6.79 -7.50 -1.77
N GLY A 697 -6.57 -7.58 -0.48
CA GLY A 697 -6.65 -8.84 0.20
C GLY A 697 -5.57 -9.83 -0.14
N SER A 698 -4.42 -9.33 -0.56
CA SER A 698 -3.26 -10.19 -0.82
C SER A 698 -3.70 -11.38 -1.67
N ARG A 699 -4.45 -11.07 -2.74
CA ARG A 699 -5.19 -12.10 -3.46
C ARG A 699 -4.68 -12.43 -4.84
N GLN A 700 -3.90 -11.55 -5.46
CA GLN A 700 -3.70 -11.71 -6.90
C GLN A 700 -2.83 -12.92 -7.24
N GLN A 701 -1.74 -13.11 -6.51
CA GLN A 701 -0.91 -14.28 -6.79
C GLN A 701 -1.74 -15.58 -6.71
N VAL A 702 -2.62 -15.69 -5.71
CA VAL A 702 -3.45 -16.89 -5.61
C VAL A 702 -4.52 -16.93 -6.70
N MET A 703 -5.33 -15.86 -6.79
CA MET A 703 -6.52 -15.92 -7.65
C MET A 703 -6.15 -15.76 -9.12
N THR A 704 -5.50 -14.63 -9.43
CA THR A 704 -5.06 -14.37 -10.79
C THR A 704 -3.91 -15.30 -11.18
N GLY A 705 -3.01 -15.63 -10.24
CA GLY A 705 -1.97 -16.62 -10.55
C GLY A 705 -2.59 -17.95 -10.97
N ASN A 706 -3.62 -18.43 -10.25
CA ASN A 706 -4.28 -19.66 -10.67
C ASN A 706 -4.95 -19.45 -12.03
N ALA A 707 -5.60 -18.30 -12.26
CA ALA A 707 -6.25 -18.11 -13.57
C ALA A 707 -5.23 -18.10 -14.71
N ILE A 708 -4.11 -17.43 -14.48
CA ILE A 708 -2.98 -17.45 -15.43
C ILE A 708 -2.50 -18.89 -15.68
N ARG A 709 -2.30 -19.63 -14.60
CA ARG A 709 -1.89 -21.05 -14.71
C ARG A 709 -2.87 -21.82 -15.61
N VAL A 710 -4.16 -21.71 -15.31
CA VAL A 710 -5.18 -22.43 -16.06
C VAL A 710 -5.20 -21.97 -17.54
N ALA A 711 -5.10 -20.66 -17.76
CA ALA A 711 -5.11 -20.14 -19.13
C ALA A 711 -3.93 -20.69 -19.93
N CYS A 712 -2.77 -20.69 -19.29
CA CYS A 712 -1.55 -21.20 -19.92
C CYS A 712 -1.66 -22.72 -20.17
N GLU A 713 -2.16 -23.48 -19.20
CA GLU A 713 -2.43 -24.91 -19.42
C GLU A 713 -3.36 -25.10 -20.64
N ASN A 714 -4.38 -24.25 -20.74
CA ASN A 714 -5.32 -24.34 -21.85
C ASN A 714 -4.68 -23.94 -23.20
N LEU A 715 -3.77 -22.98 -23.18
CA LEU A 715 -3.02 -22.62 -24.38
C LEU A 715 -2.12 -23.79 -24.80
N LEU A 716 -1.47 -24.45 -23.83
CA LEU A 716 -0.63 -25.61 -24.16
C LEU A 716 -1.47 -26.67 -24.89
N LYS A 717 -2.67 -26.93 -24.37
CA LYS A 717 -3.58 -27.90 -24.98
CA LYS A 717 -3.55 -27.91 -24.99
C LYS A 717 -3.94 -27.49 -26.41
N ALA A 718 -4.20 -26.19 -26.57
CA ALA A 718 -4.55 -25.64 -27.89
C ALA A 718 -3.39 -25.75 -28.88
N CYS A 719 -2.15 -25.72 -28.39
CA CYS A 719 -0.97 -25.79 -29.26
C CYS A 719 -0.41 -27.21 -29.45
N GLU A 720 -0.86 -28.18 -28.65
CA GLU A 720 -0.30 -29.52 -28.70
C GLU A 720 -0.47 -30.14 -30.07
N LYS A 721 0.60 -30.75 -30.57
CA LYS A 721 0.55 -31.44 -31.86
C LYS A 721 0.23 -32.88 -31.61
N PRO A 722 -0.63 -33.48 -32.48
CA PRO A 722 -0.71 -34.92 -32.40
C PRO A 722 0.66 -35.54 -32.70
N GLY A 723 1.02 -36.46 -31.82
CA GLY A 723 2.27 -37.18 -31.87
C GLY A 723 3.38 -36.58 -31.05
N GLY A 724 3.14 -35.43 -30.44
CA GLY A 724 4.12 -34.80 -29.55
C GLY A 724 4.59 -33.48 -30.11
N GLY A 725 5.04 -32.59 -29.25
CA GLY A 725 5.43 -31.26 -29.68
C GLY A 725 4.28 -30.28 -29.76
N TYR A 726 4.58 -29.09 -30.30
CA TYR A 726 3.65 -27.98 -30.32
C TYR A 726 3.66 -27.32 -31.68
N TYR A 727 2.47 -26.92 -32.12
CA TYR A 727 2.32 -26.11 -33.32
C TYR A 727 2.80 -24.68 -33.10
N THR A 728 3.32 -24.07 -34.16
CA THR A 728 3.64 -22.65 -34.18
C THR A 728 2.39 -21.83 -34.46
N TYR A 729 2.49 -20.51 -34.29
CA TYR A 729 1.39 -19.59 -34.62
C TYR A 729 0.92 -19.76 -36.06
N ASP A 730 1.88 -19.78 -36.99
CA ASP A 730 1.55 -19.89 -38.40
C ASP A 730 0.78 -21.17 -38.70
N GLU A 731 1.17 -22.26 -38.05
CA GLU A 731 0.50 -23.55 -38.25
C GLU A 731 -0.94 -23.51 -37.74
N LEU A 732 -1.14 -22.91 -36.57
CA LEU A 732 -2.47 -22.77 -35.99
C LEU A 732 -3.35 -21.87 -36.85
N LYS A 733 -2.83 -20.73 -37.27
CA LYS A 733 -3.63 -19.84 -38.13
C LYS A 733 -3.97 -20.48 -39.48
N ALA A 734 -3.06 -21.26 -40.04
CA ALA A 734 -3.30 -21.97 -41.31
C ALA A 734 -4.44 -22.99 -41.18
N ALA A 735 -4.58 -23.54 -39.96
CA ALA A 735 -5.64 -24.52 -39.65
C ALA A 735 -6.89 -23.85 -39.07
N ASP A 736 -6.91 -22.51 -39.05
CA ASP A 736 -8.02 -21.73 -38.49
C ASP A 736 -8.35 -22.18 -37.05
N LYS A 737 -7.29 -22.38 -36.26
CA LYS A 737 -7.39 -22.79 -34.86
C LYS A 737 -7.22 -21.55 -33.98
N PRO A 738 -7.84 -21.54 -32.79
CA PRO A 738 -7.72 -20.40 -31.88
C PRO A 738 -6.31 -20.22 -31.30
N THR A 739 -5.92 -18.96 -31.14
CA THR A 739 -4.64 -18.60 -30.59
C THR A 739 -4.73 -17.80 -29.26
N LYS A 740 -5.93 -17.37 -28.87
CA LYS A 740 -6.17 -16.61 -27.66
C LYS A 740 -7.14 -17.44 -26.81
N ILE A 741 -6.67 -17.87 -25.65
CA ILE A 741 -7.31 -18.92 -24.90
C ILE A 741 -7.62 -18.43 -23.49
N THR A 742 -8.84 -18.63 -23.02
CA THR A 742 -9.23 -18.24 -21.68
C THR A 742 -8.92 -19.27 -20.61
N GLY A 743 -8.69 -18.79 -19.40
CA GLY A 743 -8.65 -19.62 -18.21
C GLY A 743 -9.30 -18.88 -17.06
N ASN A 744 -10.00 -19.62 -16.22
CA ASN A 744 -10.69 -19.09 -15.05
C ASN A 744 -10.35 -19.97 -13.86
N TRP A 745 -10.45 -19.41 -12.66
CA TRP A 745 -10.29 -20.19 -11.45
C TRP A 745 -11.11 -19.56 -10.35
N THR A 746 -11.74 -20.40 -9.54
CA THR A 746 -12.57 -19.97 -8.43
C THR A 746 -12.13 -20.72 -7.17
N ALA A 747 -12.14 -20.00 -6.04
CA ALA A 747 -11.88 -20.57 -4.71
C ALA A 747 -13.16 -21.27 -4.21
N SER A 748 -13.51 -22.36 -4.86
CA SER A 748 -14.80 -23.01 -4.64
C SER A 748 -15.04 -23.50 -3.22
N GLY A 749 -14.00 -23.82 -2.49
CA GLY A 749 -14.23 -24.23 -1.09
C GLY A 749 -14.61 -23.17 -0.05
N ALA A 750 -14.67 -21.90 -0.44
CA ALA A 750 -14.84 -20.83 0.52
C ALA A 750 -16.31 -20.46 0.70
N THR A 751 -16.64 -20.00 1.91
CA THR A 751 -17.97 -19.50 2.22
C THR A 751 -17.85 -18.19 2.99
N HIS A 752 -18.85 -17.32 2.81
CA HIS A 752 -18.93 -16.08 3.57
C HIS A 752 -19.26 -16.33 5.02
N CYS A 753 -18.68 -15.52 5.90
CA CYS A 753 -19.01 -15.58 7.32
C CYS A 753 -20.44 -15.18 7.61
N ASP A 754 -21.06 -15.90 8.53
CA ASP A 754 -22.48 -15.70 8.84
C ASP A 754 -22.70 -14.36 9.54
N ALA A 755 -23.82 -13.72 9.22
CA ALA A 755 -24.16 -12.44 9.81
C ALA A 755 -24.48 -12.49 11.31
N VAL A 756 -24.92 -13.67 11.80
CA VAL A 756 -25.28 -13.81 13.21
C VAL A 756 -24.12 -14.37 14.06
N THR A 757 -23.38 -15.35 13.54
CA THR A 757 -22.34 -16.00 14.33
C THR A 757 -20.92 -15.64 13.94
N GLY A 758 -20.73 -15.07 12.75
CA GLY A 758 -19.39 -14.80 12.26
C GLY A 758 -18.64 -16.02 11.71
N LEU A 759 -19.26 -17.20 11.80
CA LEU A 759 -18.60 -18.44 11.39
C LEU A 759 -18.66 -18.65 9.88
N GLY A 760 -17.63 -19.29 9.34
CA GLY A 760 -17.54 -19.59 7.93
C GLY A 760 -16.14 -19.97 7.53
N LYS A 761 -15.92 -20.05 6.22
CA LYS A 761 -14.64 -20.48 5.64
C LYS A 761 -14.26 -19.40 4.61
N PRO A 762 -13.89 -18.20 5.10
CA PRO A 762 -13.91 -17.05 4.18
C PRO A 762 -12.80 -17.07 3.12
N PHE A 763 -11.66 -17.71 3.43
CA PHE A 763 -10.54 -17.80 2.50
C PHE A 763 -10.10 -19.26 2.46
N VAL A 764 -9.60 -19.71 1.31
CA VAL A 764 -9.07 -21.06 1.19
C VAL A 764 -7.55 -21.11 1.36
N VAL A 765 -6.91 -19.94 1.31
CA VAL A 765 -5.49 -19.77 1.53
C VAL A 765 -5.29 -18.64 2.49
N TYR A 766 -4.39 -18.86 3.46
CA TYR A 766 -3.93 -17.83 4.38
C TYR A 766 -2.40 -17.75 4.32
N MET A 767 -1.91 -16.64 4.84
CA MET A 767 -0.52 -16.36 5.03
C MET A 767 -0.22 -16.44 6.52
N TYR A 768 0.92 -17.01 6.89
CA TYR A 768 1.27 -17.24 8.30
C TYR A 768 2.68 -16.75 8.54
N GLY A 769 2.92 -16.09 9.67
CA GLY A 769 4.23 -15.64 10.01
C GLY A 769 4.47 -15.43 11.47
N VAL A 770 5.74 -15.33 11.84
CA VAL A 770 6.16 -15.06 13.21
C VAL A 770 7.22 -13.96 13.18
N PHE A 771 6.95 -12.88 13.92
CA PHE A 771 7.79 -11.67 13.97
C PHE A 771 8.66 -11.68 15.23
N MET A 772 9.88 -11.16 15.09
CA MET A 772 10.71 -10.83 16.25
C MET A 772 11.27 -9.44 16.05
N ALA A 773 11.06 -8.59 17.05
CA ALA A 773 11.58 -7.22 17.06
C ALA A 773 12.63 -7.12 18.15
N GLU A 774 13.70 -6.40 17.82
CA GLU A 774 14.77 -6.08 18.75
C GLU A 774 14.87 -4.55 18.82
N VAL A 775 14.75 -3.99 20.02
CA VAL A 775 14.65 -2.55 20.21
C VAL A 775 15.56 -2.07 21.34
N THR A 776 15.85 -0.76 21.30
CA THR A 776 16.52 -0.04 22.37
C THR A 776 15.66 1.14 22.74
N VAL A 777 15.39 1.30 24.03
CA VAL A 777 14.63 2.47 24.54
C VAL A 777 15.57 3.32 25.36
N ASP A 778 15.69 4.58 24.99
CA ASP A 778 16.37 5.58 25.80
C ASP A 778 15.41 6.00 26.89
N VAL A 779 15.69 5.58 28.12
CA VAL A 779 14.72 5.82 29.18
C VAL A 779 14.72 7.25 29.69
N ALA A 780 15.68 8.08 29.25
CA ALA A 780 15.64 9.52 29.58
C ALA A 780 14.72 10.30 28.67
N THR A 781 14.56 9.83 27.43
CA THR A 781 13.73 10.52 26.43
C THR A 781 12.47 9.79 26.00
N GLY A 782 12.41 8.49 26.23
CA GLY A 782 11.32 7.70 25.73
C GLY A 782 11.44 7.28 24.27
N GLN A 783 12.54 7.64 23.62
CA GLN A 783 12.72 7.31 22.20
CA GLN A 783 12.73 7.30 22.21
C GLN A 783 13.11 5.84 22.05
N THR A 784 12.40 5.15 21.17
CA THR A 784 12.68 3.77 20.79
C THR A 784 13.34 3.74 19.43
N THR A 785 14.41 2.96 19.33
CA THR A 785 15.06 2.61 18.08
C THR A 785 14.85 1.12 17.83
N VAL A 786 14.39 0.78 16.64
CA VAL A 786 14.27 -0.62 16.25
C VAL A 786 15.59 -1.02 15.61
N ASP A 787 16.28 -1.95 16.25
CA ASP A 787 17.59 -2.38 15.84
C ASP A 787 17.59 -3.57 14.91
N GLY A 788 16.48 -4.31 14.92
CA GLY A 788 16.36 -5.46 14.04
C GLY A 788 14.92 -5.95 14.00
N MET A 789 14.54 -6.46 12.84
CA MET A 789 13.26 -7.19 12.71
CA MET A 789 13.30 -7.20 12.72
C MET A 789 13.54 -8.48 11.97
N THR A 790 12.85 -9.53 12.41
CA THR A 790 12.87 -10.84 11.75
C THR A 790 11.44 -11.24 11.46
N LEU A 791 11.22 -11.77 10.25
CA LEU A 791 9.96 -12.43 9.93
C LEU A 791 10.24 -13.84 9.46
N MET A 792 9.67 -14.81 10.19
CA MET A 792 9.52 -16.18 9.71
C MET A 792 8.23 -16.14 8.86
N ALA A 793 8.33 -16.53 7.59
CA ALA A 793 7.19 -16.37 6.67
C ALA A 793 6.92 -17.69 5.96
N ASP A 794 5.66 -18.10 5.95
CA ASP A 794 5.23 -19.25 5.17
C ASP A 794 4.38 -18.72 4.02
N LEU A 795 5.01 -18.64 2.84
CA LEU A 795 4.34 -18.19 1.62
C LEU A 795 4.03 -19.30 0.63
N GLY A 796 4.19 -20.54 1.06
CA GLY A 796 3.80 -21.70 0.25
C GLY A 796 4.85 -22.11 -0.76
N SER A 797 5.14 -21.17 -1.66
CA SER A 797 6.16 -21.28 -2.70
C SER A 797 6.34 -19.87 -3.23
N LEU A 798 7.56 -19.47 -3.52
CA LEU A 798 7.82 -18.10 -4.01
C LEU A 798 7.70 -18.02 -5.51
N CYS A 799 6.83 -17.14 -6.01
CA CYS A 799 6.88 -16.85 -7.46
C CYS A 799 8.19 -16.14 -7.81
N ASN A 800 8.55 -15.13 -7.02
CA ASN A 800 9.78 -14.37 -7.28
C ASN A 800 10.33 -13.82 -5.98
N GLN A 801 11.57 -14.19 -5.66
CA GLN A 801 12.13 -13.80 -4.37
C GLN A 801 12.47 -12.32 -4.29
N LEU A 802 12.83 -11.69 -5.40
CA LEU A 802 13.02 -10.22 -5.29
C LEU A 802 11.72 -9.57 -4.88
N ALA A 803 10.62 -10.06 -5.46
CA ALA A 803 9.32 -9.50 -5.14
C ALA A 803 8.94 -9.78 -3.68
N THR A 804 9.07 -11.01 -3.22
CA THR A 804 8.63 -11.34 -1.86
C THR A 804 9.53 -10.73 -0.78
N ASP A 805 10.84 -10.74 -1.01
CA ASP A 805 11.75 -10.14 -0.03
C ASP A 805 11.38 -8.66 0.13
N GLY A 806 11.16 -7.99 -1.00
CA GLY A 806 10.83 -6.57 -1.00
C GLY A 806 9.51 -6.28 -0.31
N GLN A 807 8.51 -7.13 -0.57
CA GLN A 807 7.21 -6.96 0.08
C GLN A 807 7.37 -7.03 1.59
N ILE A 808 8.16 -7.98 2.05
CA ILE A 808 8.33 -8.17 3.50
C ILE A 808 9.09 -6.99 4.09
N TYR A 809 10.19 -6.58 3.47
CA TYR A 809 10.92 -5.42 4.03
C TYR A 809 10.03 -4.18 4.09
N GLY A 810 9.28 -3.93 3.02
CA GLY A 810 8.37 -2.77 3.02
C GLY A 810 7.32 -2.83 4.10
N GLY A 811 6.71 -4.00 4.29
CA GLY A 811 5.72 -4.11 5.35
C GLY A 811 6.29 -3.95 6.75
N LEU A 812 7.49 -4.49 6.96
CA LEU A 812 8.13 -4.34 8.27
C LEU A 812 8.38 -2.87 8.56
N ALA A 813 8.82 -2.11 7.55
CA ALA A 813 9.09 -0.69 7.74
C ALA A 813 7.79 0.09 8.08
N GLN A 814 6.69 -0.23 7.41
CA GLN A 814 5.40 0.36 7.75
C GLN A 814 4.96 -0.03 9.16
N GLY A 815 5.35 -1.22 9.61
CA GLY A 815 5.06 -1.64 10.97
C GLY A 815 5.80 -0.82 12.00
N ILE A 816 7.05 -0.49 11.69
CA ILE A 816 7.84 0.41 12.57
C ILE A 816 7.19 1.78 12.66
N GLY A 817 6.71 2.29 11.52
CA GLY A 817 5.99 3.54 11.56
C GLY A 817 4.71 3.47 12.39
N LEU A 818 3.89 2.45 12.13
CA LEU A 818 2.67 2.27 12.88
C LEU A 818 2.95 2.16 14.38
N ALA A 819 3.99 1.45 14.76
CA ALA A 819 4.31 1.28 16.18
C ALA A 819 4.76 2.56 16.86
N LEU A 820 5.63 3.33 16.18
CA LEU A 820 6.39 4.39 16.83
C LEU A 820 6.04 5.82 16.47
N SER A 821 5.57 6.09 15.26
CA SER A 821 5.56 7.49 14.79
C SER A 821 4.36 7.96 13.98
N GLU A 822 3.59 7.06 13.38
CA GLU A 822 2.63 7.49 12.36
C GLU A 822 1.24 7.69 12.88
N ASP A 823 0.57 8.72 12.40
CA ASP A 823 -0.87 8.88 12.61
C ASP A 823 -1.37 9.96 11.68
N PHE A 824 -2.68 10.00 11.53
CA PHE A 824 -3.35 11.13 10.91
C PHE A 824 -4.52 11.54 11.81
N GLU A 825 -4.21 12.37 12.80
CA GLU A 825 -5.18 12.81 13.78
C GLU A 825 -5.39 14.31 13.67
N ASP A 826 -4.30 15.05 13.49
CA ASP A 826 -4.31 16.50 13.41
CA ASP A 826 -4.38 16.55 13.39
C ASP A 826 -4.35 16.88 11.92
N ILE A 827 -5.46 17.45 11.47
CA ILE A 827 -5.69 17.65 10.05
C ILE A 827 -4.59 18.44 9.37
N LYS A 828 -4.01 19.43 10.05
CA LYS A 828 -2.93 20.23 9.46
C LYS A 828 -1.56 19.68 9.82
N LYS A 829 -1.31 19.37 11.11
CA LYS A 829 0.05 18.98 11.52
C LYS A 829 0.46 17.67 10.88
N HIS A 830 -0.50 16.78 10.66
CA HIS A 830 -0.20 15.47 10.08
C HIS A 830 -0.30 15.42 8.55
N ALA A 831 -0.40 16.58 7.91
CA ALA A 831 -0.57 16.68 6.47
C ALA A 831 0.73 16.79 5.67
N THR A 832 1.87 16.57 6.33
CA THR A 832 3.17 16.45 5.68
C THR A 832 3.80 15.11 6.07
N LEU A 833 4.76 14.64 5.26
CA LEU A 833 5.51 13.42 5.60
C LEU A 833 6.16 13.50 6.96
N VAL A 834 6.89 14.57 7.20
CA VAL A 834 7.57 14.70 8.48
C VAL A 834 6.59 14.88 9.63
N GLY A 835 5.52 15.62 9.37
CA GLY A 835 4.55 15.84 10.43
C GLY A 835 3.84 14.59 10.90
N ALA A 836 3.55 13.71 9.94
CA ALA A 836 2.83 12.46 10.21
C ALA A 836 3.74 11.30 10.59
N GLY A 837 5.04 11.51 10.72
CA GLY A 837 5.92 10.46 11.22
C GLY A 837 6.39 9.45 10.19
N PHE A 838 6.54 9.87 8.94
CA PHE A 838 7.04 8.97 7.90
C PHE A 838 8.39 8.39 8.32
N PRO A 839 8.64 7.08 8.11
CA PRO A 839 9.94 6.53 8.49
C PRO A 839 11.01 6.76 7.41
N PHE A 840 11.94 7.65 7.75
CA PHE A 840 13.13 7.84 6.94
C PHE A 840 14.11 6.71 7.25
N ILE A 841 15.20 6.65 6.47
CA ILE A 841 16.01 5.44 6.46
C ILE A 841 16.60 5.07 7.84
N LYS A 842 17.04 6.05 8.64
CA LYS A 842 17.63 5.72 9.93
C LYS A 842 16.64 5.10 10.91
N GLN A 843 15.33 5.29 10.70
CA GLN A 843 14.29 4.68 11.55
CA GLN A 843 14.34 4.67 11.57
C GLN A 843 14.11 3.20 11.25
N ILE A 844 14.58 2.75 10.07
CA ILE A 844 14.41 1.37 9.68
C ILE A 844 15.76 0.66 9.82
N PRO A 845 15.85 -0.41 10.62
CA PRO A 845 17.17 -1.02 10.77
C PRO A 845 17.66 -1.63 9.47
N ASP A 846 18.98 -1.67 9.31
CA ASP A 846 19.56 -2.41 8.19
C ASP A 846 19.32 -3.93 8.38
N LYS A 847 19.23 -4.37 9.63
CA LYS A 847 18.96 -5.79 9.96
CA LYS A 847 18.96 -5.76 9.95
C LYS A 847 17.47 -6.06 9.82
N LEU A 848 17.06 -6.45 8.63
CA LEU A 848 15.72 -6.97 8.36
C LEU A 848 15.97 -8.37 7.83
N ASP A 849 15.58 -9.37 8.61
CA ASP A 849 15.87 -10.77 8.31
C ASP A 849 14.60 -11.56 8.02
N ILE A 850 14.62 -12.29 6.93
CA ILE A 850 13.54 -13.16 6.53
C ILE A 850 14.00 -14.59 6.59
N VAL A 851 13.15 -15.47 7.09
CA VAL A 851 13.34 -16.92 6.97
C VAL A 851 12.06 -17.50 6.39
N TYR A 852 12.16 -18.04 5.17
CA TYR A 852 11.02 -18.70 4.54
C TYR A 852 10.90 -20.13 5.06
N VAL A 853 9.70 -20.46 5.52
CA VAL A 853 9.36 -21.79 6.04
C VAL A 853 8.11 -22.21 5.28
N ASN A 854 8.30 -22.55 4.01
CA ASN A 854 7.17 -22.60 3.09
C ASN A 854 6.50 -23.98 3.09
N HIS A 855 5.18 -23.99 3.32
CA HIS A 855 4.35 -25.19 3.32
C HIS A 855 3.40 -25.05 2.14
N PRO A 856 3.65 -25.76 1.03
CA PRO A 856 2.84 -25.54 -0.16
C PRO A 856 1.33 -25.62 0.09
N ARG A 857 0.60 -24.64 -0.43
CA ARG A 857 -0.82 -24.57 -0.23
C ARG A 857 -1.56 -25.49 -1.21
N PRO A 858 -2.52 -26.29 -0.70
CA PRO A 858 -3.31 -27.12 -1.62
C PRO A 858 -3.96 -26.39 -2.77
N ASP A 859 -4.43 -25.16 -2.54
CA ASP A 859 -5.19 -24.44 -3.56
C ASP A 859 -4.42 -23.29 -4.23
N GLY A 860 -3.18 -23.06 -3.82
CA GLY A 860 -2.39 -22.04 -4.44
C GLY A 860 -1.68 -22.50 -5.72
N PRO A 861 -1.40 -21.57 -6.65
CA PRO A 861 -0.70 -21.96 -7.89
C PRO A 861 0.72 -22.38 -7.57
N PHE A 862 1.07 -23.62 -7.93
CA PHE A 862 2.37 -24.20 -7.56
C PHE A 862 2.64 -24.14 -6.06
N GLY A 863 1.56 -24.11 -5.29
CA GLY A 863 1.62 -24.04 -3.84
C GLY A 863 1.70 -22.68 -3.18
N ALA A 864 1.66 -21.61 -3.97
CA ALA A 864 1.83 -20.26 -3.42
C ALA A 864 0.63 -19.73 -2.63
N SER A 865 0.93 -19.01 -1.55
CA SER A 865 0.00 -18.06 -0.97
C SER A 865 0.34 -16.66 -1.45
N GLY A 866 -0.45 -15.69 -1.02
CA GLY A 866 -0.02 -14.31 -1.13
C GLY A 866 1.11 -13.96 -0.19
N VAL A 867 1.54 -12.70 -0.29
CA VAL A 867 2.48 -12.12 0.67
C VAL A 867 2.11 -10.69 1.09
N GLY A 868 1.36 -9.95 0.29
CA GLY A 868 1.42 -8.50 0.39
C GLY A 868 1.19 -7.95 1.80
N GLU A 869 0.13 -8.40 2.46
CA GLU A 869 -0.22 -7.85 3.75
C GLU A 869 0.36 -8.61 4.94
N LEU A 870 0.90 -9.82 4.74
CA LEU A 870 1.49 -10.56 5.85
C LEU A 870 2.44 -9.72 6.73
N PRO A 871 3.40 -8.99 6.15
CA PRO A 871 4.39 -8.33 6.99
C PRO A 871 3.87 -7.13 7.80
N LEU A 872 2.61 -6.72 7.58
CA LEU A 872 2.01 -5.66 8.39
C LEU A 872 0.94 -6.16 9.34
N THR A 873 0.71 -7.49 9.38
CA THR A 873 -0.31 -8.04 10.27
C THR A 873 -0.04 -7.68 11.74
N SER A 874 1.18 -7.92 12.26
CA SER A 874 1.44 -7.60 13.67
C SER A 874 2.88 -7.18 14.00
N PRO A 875 3.69 -6.63 13.03
CA PRO A 875 5.07 -6.26 13.46
C PRO A 875 5.06 -5.25 14.59
N HIS A 876 4.08 -4.34 14.55
CA HIS A 876 3.91 -3.34 15.61
C HIS A 876 3.59 -3.93 16.99
N ALA A 877 2.91 -5.09 17.02
CA ALA A 877 2.76 -5.79 18.29
C ALA A 877 4.11 -6.33 18.79
N ALA A 878 4.89 -6.95 17.90
CA ALA A 878 6.23 -7.39 18.31
C ALA A 878 7.07 -6.23 18.85
N ILE A 879 6.99 -5.09 18.22
CA ILE A 879 7.74 -3.92 18.65
C ILE A 879 7.31 -3.43 20.04
N ILE A 880 5.99 -3.30 20.25
CA ILE A 880 5.49 -2.89 21.55
C ILE A 880 5.79 -3.93 22.61
N ASN A 881 5.72 -5.21 22.23
CA ASN A 881 6.13 -6.27 23.15
C ASN A 881 7.61 -6.18 23.50
N ALA A 882 8.43 -5.71 22.57
CA ALA A 882 9.84 -5.50 22.81
C ALA A 882 10.10 -4.31 23.72
N ILE A 883 9.34 -3.23 23.57
CA ILE A 883 9.42 -2.11 24.48
C ILE A 883 9.10 -2.59 25.90
N LYS A 884 8.07 -3.42 26.03
CA LYS A 884 7.71 -3.99 27.34
C LYS A 884 8.83 -4.85 27.90
N SER A 885 9.40 -5.71 27.06
CA SER A 885 10.58 -6.52 27.43
C SER A 885 11.72 -5.65 27.96
N ALA A 886 11.98 -4.57 27.24
CA ALA A 886 13.11 -3.69 27.58
C ALA A 886 12.92 -2.94 28.89
N THR A 887 11.70 -2.45 29.12
CA THR A 887 11.49 -1.38 30.12
C THR A 887 10.44 -1.63 31.19
N GLY A 888 9.62 -2.66 30.98
CA GLY A 888 8.47 -2.91 31.82
C GLY A 888 7.22 -2.14 31.50
N VAL A 889 7.28 -1.22 30.52
CA VAL A 889 6.06 -0.50 30.23
CA VAL A 889 6.16 -0.34 30.06
C VAL A 889 5.40 -0.98 28.93
N ARG A 890 4.08 -1.03 29.01
CA ARG A 890 3.24 -1.41 27.89
C ARG A 890 2.51 -0.22 27.35
N ILE A 891 2.70 0.05 26.06
CA ILE A 891 1.92 1.05 25.34
C ILE A 891 0.72 0.32 24.73
N TYR A 892 -0.46 0.74 25.13
CA TYR A 892 -1.74 0.19 24.69
C TYR A 892 -2.36 0.88 23.49
N ARG A 893 -2.02 2.15 23.32
CA ARG A 893 -2.61 3.03 22.31
C ARG A 893 -1.48 3.55 21.42
N LEU A 894 -1.46 3.09 20.18
CA LEU A 894 -0.40 3.49 19.26
C LEU A 894 -0.61 4.93 18.77
N PRO A 895 0.50 5.60 18.35
CA PRO A 895 1.88 5.12 18.37
C PRO A 895 2.58 5.44 19.70
N ALA A 896 3.70 4.76 19.89
CA ALA A 896 4.53 4.93 21.07
C ALA A 896 5.42 6.17 20.96
N TYR A 897 4.80 7.35 20.91
CA TYR A 897 5.54 8.61 20.89
C TYR A 897 6.48 8.68 22.10
N PRO A 898 7.65 9.33 21.95
CA PRO A 898 8.57 9.45 23.09
C PRO A 898 7.93 9.99 24.37
N GLU A 899 7.14 11.06 24.29
CA GLU A 899 6.56 11.60 25.50
C GLU A 899 5.62 10.59 26.16
N LYS A 900 4.87 9.85 25.34
CA LYS A 900 3.98 8.84 25.88
C LYS A 900 4.75 7.73 26.60
N VAL A 901 5.84 7.27 26.00
CA VAL A 901 6.68 6.29 26.66
C VAL A 901 7.28 6.84 27.96
N LEU A 902 7.73 8.07 27.92
CA LEU A 902 8.33 8.72 29.10
CA LEU A 902 8.37 8.64 29.06
C LEU A 902 7.37 8.81 30.23
N GLU A 903 6.15 9.24 29.92
CA GLU A 903 5.11 9.33 30.97
C GLU A 903 4.87 7.96 31.60
N ALA A 904 4.89 6.92 30.78
CA ALA A 904 4.69 5.57 31.30
C ALA A 904 5.89 5.12 32.13
N LEU A 905 7.10 5.43 31.67
CA LEU A 905 8.33 5.09 32.44
C LEU A 905 8.36 5.72 33.84
N LYS A 906 7.84 6.93 33.92
CA LYS A 906 7.94 7.72 35.14
C LYS A 906 6.74 7.60 36.09
N ALA A 907 5.67 6.97 35.62
CA ALA A 907 4.47 6.83 36.41
C ALA A 907 4.71 6.04 37.69
#